data_5THU
#
_entry.id   5THU
#
_cell.length_a   53.500
_cell.length_b   83.950
_cell.length_c   98.400
_cell.angle_alpha   90.00
_cell.angle_beta   101.83
_cell.angle_gamma   90.00
#
_symmetry.space_group_name_H-M   'P 1 21 1'
#
loop_
_entity.id
_entity.type
_entity.pdbx_description
1 polymer 'Histone deacetylase 8'
2 non-polymer 'ZINC ION'
3 non-polymer 'POTASSIUM ION'
4 non-polymer 4-(dimethylamino)-N-[7-(hydroxyamino)-7-oxoheptyl]benzamide
5 non-polymer glycylglycylglycine
6 water water
#
_entity_poly.entity_id   1
_entity_poly.type   'polypeptide(L)'
_entity_poly.pdbx_seq_one_letter_code
;MEEPEEPADSGQSLVPVYIYSPEYVSMCDSLAKIPKRASMVHSLIEAYALHKQMRIVKPKVASMEEMATFHTDAYLQHLQ
KVSQEGDDDHPDSIEYGLGYDCPATEGIFDYAAAIGGATITAAQCLIDGMCKVAINWSGGWHHAKKDEASGFCYLNDAVL
GILRLRRKFERILYVDLDLHHGDGVEDAFSFTSKVMTVSLHKFSPGFFPGTGDVSDVGLGKGRYYSVNVPIQDGIQDEKY
YQICESVLKEVYQAFNPKAVVLQLGADTIAGDPMCSFNMTPVGIGKCLKYILQWQLATLILGGAGYNLANTARCWTYLTG
VILGKTLSSEIPDHEFFTAYGPDYVLEITPSCRPDRNEPHRIQQILNYIKGNLKHVVIEGRGSHHHHHH
;
_entity_poly.pdbx_strand_id   A,B
#
loop_
_chem_comp.id
_chem_comp.type
_chem_comp.name
_chem_comp.formula
B3N non-polymer 4-(dimethylamino)-N-[7-(hydroxyamino)-7-oxoheptyl]benzamide 'C16 H25 N3 O3'
GGG non-polymer glycylglycylglycine 'C6 H11 N3 O4'
K non-polymer 'POTASSIUM ION' 'K 1'
ZN non-polymer 'ZINC ION' 'Zn 2'
#
# COMPACT_ATOMS: atom_id res chain seq x y z
N LEU A 14 14.71 -31.91 18.32
CA LEU A 14 14.38 -31.58 19.71
C LEU A 14 13.99 -30.10 19.85
N VAL A 15 14.99 -29.27 20.10
CA VAL A 15 14.87 -27.84 20.36
C VAL A 15 14.76 -27.12 19.02
N PRO A 16 13.88 -26.12 18.88
CA PRO A 16 13.74 -25.43 17.59
C PRO A 16 15.03 -24.75 17.19
N VAL A 17 15.33 -24.76 15.89
CA VAL A 17 16.45 -24.00 15.34
C VAL A 17 15.98 -22.59 15.06
N TYR A 18 16.83 -21.63 15.40
CA TYR A 18 16.60 -20.21 15.17
C TYR A 18 17.71 -19.73 14.23
N ILE A 19 17.34 -19.42 12.98
CA ILE A 19 18.34 -18.91 12.04
C ILE A 19 18.65 -17.45 12.39
N TYR A 20 19.91 -17.19 12.75
CA TYR A 20 20.25 -15.87 13.23
C TYR A 20 21.77 -15.67 13.21
N SER A 21 22.18 -14.46 12.80
CA SER A 21 23.50 -13.92 13.10
C SER A 21 23.40 -12.41 13.09
N PRO A 22 24.28 -11.71 13.81
CA PRO A 22 24.29 -10.24 13.74
C PRO A 22 24.41 -9.73 12.31
N GLU A 23 25.28 -10.35 11.51
CA GLU A 23 25.49 -9.94 10.14
C GLU A 23 24.23 -10.16 9.30
N TYR A 24 23.55 -11.28 9.52
CA TYR A 24 22.32 -11.54 8.77
C TYR A 24 21.27 -10.48 9.05
N VAL A 25 21.07 -10.16 10.33
CA VAL A 25 20.09 -9.15 10.68
C VAL A 25 20.44 -7.80 10.06
N SER A 26 21.74 -7.46 10.07
CA SER A 26 22.16 -6.19 9.50
C SER A 26 21.89 -6.14 8.00
N MET A 27 22.23 -7.22 7.30
CA MET A 27 21.90 -7.31 5.88
C MET A 27 20.40 -7.15 5.67
N CYS A 28 19.59 -7.89 6.43
CA CYS A 28 18.14 -7.81 6.28
C CYS A 28 17.62 -6.41 6.61
N ASP A 29 18.28 -5.71 7.54
CA ASP A 29 17.80 -4.41 8.02
C ASP A 29 17.79 -3.34 6.95
N SER A 30 18.59 -3.47 5.89
CA SER A 30 18.65 -2.46 4.84
C SER A 30 17.57 -2.64 3.79
N LYS A 33 12.05 -0.97 2.70
CA LYS A 33 10.63 -1.25 2.86
C LYS A 33 10.29 -1.61 4.32
N ILE A 34 11.21 -2.29 4.99
CA ILE A 34 11.03 -2.71 6.38
C ILE A 34 12.31 -2.36 7.13
N PRO A 35 12.63 -1.08 7.28
CA PRO A 35 13.93 -0.70 7.86
C PRO A 35 14.00 -1.10 9.33
N LYS A 36 15.09 -1.75 9.70
CA LYS A 36 15.33 -2.22 11.06
C LYS A 36 14.29 -3.21 11.53
N ARG A 37 13.41 -3.71 10.65
CA ARG A 37 12.40 -4.65 11.13
C ARG A 37 13.06 -5.91 11.65
N ALA A 38 14.12 -6.38 10.98
CA ALA A 38 14.75 -7.61 11.42
C ALA A 38 15.39 -7.44 12.79
N SER A 39 16.02 -6.29 13.04
CA SER A 39 16.53 -5.97 14.38
C SER A 39 15.41 -5.93 15.40
N MET A 40 14.26 -5.33 15.03
CA MET A 40 13.17 -5.22 15.98
C MET A 40 12.62 -6.60 16.36
N VAL A 41 12.43 -7.47 15.36
CA VAL A 41 11.98 -8.83 15.63
C VAL A 41 12.98 -9.57 16.52
N HIS A 42 14.26 -9.55 16.13
CA HIS A 42 15.25 -10.28 16.91
C HIS A 42 15.40 -9.73 18.34
N SER A 43 15.41 -8.41 18.49
CA SER A 43 15.64 -7.85 19.82
C SER A 43 14.46 -8.12 20.75
N LEU A 44 13.24 -8.09 20.23
CA LEU A 44 12.09 -8.44 21.08
C LEU A 44 12.14 -9.91 21.48
N ILE A 45 12.52 -10.79 20.56
CA ILE A 45 12.67 -12.21 20.88
C ILE A 45 13.74 -12.41 21.94
N GLU A 46 14.86 -11.70 21.80
CA GLU A 46 15.91 -11.75 22.82
C GLU A 46 15.43 -11.13 24.13
N ALA A 47 14.66 -10.04 24.05
CA ALA A 47 14.17 -9.38 25.24
C ALA A 47 13.32 -10.33 26.08
N TYR A 48 12.55 -11.21 25.43
CA TYR A 48 11.83 -12.27 26.15
C TYR A 48 12.71 -13.49 26.43
N ALA A 49 14.01 -13.42 26.11
CA ALA A 49 14.96 -14.49 26.36
C ALA A 49 14.59 -15.78 25.65
N LEU A 50 13.79 -15.72 24.57
CA LEU A 50 13.40 -16.94 23.87
C LEU A 50 14.56 -17.58 23.13
N HIS A 51 15.59 -16.81 22.79
CA HIS A 51 16.73 -17.37 22.09
C HIS A 51 17.49 -18.37 22.95
N LYS A 52 17.33 -18.32 24.27
CA LYS A 52 18.00 -19.26 25.17
C LYS A 52 17.37 -20.64 25.14
N GLN A 53 16.16 -20.76 24.59
CA GLN A 53 15.48 -22.04 24.47
C GLN A 53 15.54 -22.59 23.05
N MET A 54 16.33 -21.98 22.18
CA MET A 54 16.44 -22.41 20.79
C MET A 54 17.90 -22.67 20.47
N ARG A 55 18.12 -23.43 19.39
CA ARG A 55 19.48 -23.69 18.89
C ARG A 55 19.76 -22.66 17.82
N ILE A 56 20.70 -21.75 18.11
CA ILE A 56 20.98 -20.65 17.20
C ILE A 56 21.93 -21.13 16.12
N VAL A 57 21.53 -20.97 14.87
CA VAL A 57 22.29 -21.47 13.72
C VAL A 57 22.57 -20.30 12.79
N LYS A 58 23.85 -20.07 12.50
CA LYS A 58 24.24 -19.03 11.57
C LYS A 58 23.82 -19.42 10.16
N PRO A 59 23.15 -18.54 9.41
CA PRO A 59 22.80 -18.88 8.03
C PRO A 59 24.01 -18.85 7.12
N LYS A 60 24.03 -19.76 6.15
CA LYS A 60 24.96 -19.68 5.04
C LYS A 60 24.39 -18.77 3.97
N VAL A 61 25.26 -18.12 3.22
CA VAL A 61 24.85 -17.36 2.05
C VAL A 61 24.58 -18.35 0.92
N ALA A 62 23.49 -18.12 0.17
CA ALA A 62 23.17 -19.05 -0.91
C ALA A 62 24.18 -18.93 -2.04
N SER A 63 24.69 -20.06 -2.52
CA SER A 63 25.56 -20.07 -3.69
C SER A 63 24.76 -19.80 -4.96
N MET A 64 25.49 -19.48 -6.04
CA MET A 64 24.82 -19.28 -7.33
C MET A 64 24.05 -20.53 -7.74
N GLU A 65 24.67 -21.71 -7.60
CA GLU A 65 23.99 -22.95 -8.00
C GLU A 65 22.74 -23.19 -7.15
N GLU A 66 22.82 -22.93 -5.85
CA GLU A 66 21.64 -23.12 -5.00
C GLU A 66 20.51 -22.20 -5.44
N MET A 67 20.82 -20.92 -5.70
CA MET A 67 19.78 -20.00 -6.15
C MET A 67 19.21 -20.43 -7.50
N ALA A 68 20.02 -21.05 -8.35
CA ALA A 68 19.58 -21.49 -9.66
C ALA A 68 18.82 -22.81 -9.62
N THR A 69 18.64 -23.44 -8.46
CA THR A 69 17.65 -24.51 -8.40
C THR A 69 16.27 -24.02 -8.81
N PHE A 70 16.01 -22.71 -8.69
CA PHE A 70 14.75 -22.14 -9.12
C PHE A 70 14.94 -21.01 -10.13
N HIS A 71 15.79 -20.03 -9.83
CA HIS A 71 15.85 -18.85 -10.66
C HIS A 71 16.76 -19.06 -11.87
N THR A 72 16.44 -18.38 -12.98
CA THR A 72 17.23 -18.56 -14.19
C THR A 72 18.56 -17.84 -14.04
N ASP A 73 19.58 -18.35 -14.73
CA ASP A 73 20.88 -17.71 -14.65
C ASP A 73 20.84 -16.30 -15.22
N ALA A 74 20.03 -16.09 -16.26
CA ALA A 74 19.86 -14.74 -16.81
C ALA A 74 19.36 -13.76 -15.76
N TYR A 75 18.34 -14.17 -14.99
CA TYR A 75 17.80 -13.28 -13.95
C TYR A 75 18.83 -13.02 -12.85
N LEU A 76 19.52 -14.08 -12.40
CA LEU A 76 20.49 -13.93 -11.32
C LEU A 76 21.67 -13.05 -11.74
N GLN A 77 22.17 -13.25 -12.96
CA GLN A 77 23.28 -12.42 -13.45
C GLN A 77 22.84 -10.96 -13.60
N HIS A 78 21.59 -10.72 -13.96
CA HIS A 78 21.12 -9.34 -14.02
C HIS A 78 21.00 -8.75 -12.61
N LEU A 79 20.42 -9.50 -11.68
CA LEU A 79 20.33 -9.04 -10.30
C LEU A 79 21.72 -8.73 -9.75
N GLN A 80 22.67 -9.62 -10.01
CA GLN A 80 24.06 -9.39 -9.60
C GLN A 80 24.61 -8.12 -10.23
N LYS A 81 24.33 -7.92 -11.53
CA LYS A 81 24.91 -6.83 -12.29
C LYS A 81 24.40 -5.47 -11.82
N VAL A 82 23.10 -5.35 -11.52
CA VAL A 82 22.55 -4.06 -11.08
C VAL A 82 22.69 -3.87 -9.59
N SER A 83 23.11 -4.87 -8.85
CA SER A 83 23.39 -4.71 -7.43
C SER A 83 24.81 -4.14 -7.26
N ASP A 89 18.57 2.31 -13.44
CA ASP A 89 17.78 2.50 -14.64
C ASP A 89 18.26 1.64 -15.81
N HIS A 90 18.77 0.44 -15.53
CA HIS A 90 19.28 -0.44 -16.58
C HIS A 90 18.16 -0.81 -17.56
N PRO A 91 18.44 -0.79 -18.87
CA PRO A 91 17.36 -1.03 -19.84
C PRO A 91 16.65 -2.38 -19.70
N ASP A 92 17.30 -3.39 -19.13
CA ASP A 92 16.66 -4.69 -18.99
C ASP A 92 15.89 -4.89 -17.68
N SER A 93 15.96 -3.94 -16.75
CA SER A 93 15.45 -4.21 -15.41
C SER A 93 13.91 -4.28 -15.37
N ILE A 94 13.22 -3.55 -16.24
CA ILE A 94 11.77 -3.72 -16.35
C ILE A 94 11.43 -5.17 -16.68
N GLU A 95 12.15 -5.74 -17.66
CA GLU A 95 11.93 -7.12 -18.06
C GLU A 95 12.04 -8.09 -16.89
N TYR A 96 12.91 -7.79 -15.94
CA TYR A 96 13.15 -8.69 -14.81
C TYR A 96 12.39 -8.27 -13.56
N GLY A 97 11.32 -7.48 -13.72
CA GLY A 97 10.50 -7.06 -12.61
C GLY A 97 11.11 -6.03 -11.70
N LEU A 98 12.29 -5.49 -12.02
CA LEU A 98 12.91 -4.49 -11.17
C LEU A 98 12.46 -3.11 -11.58
N GLY A 99 12.06 -2.29 -10.60
CA GLY A 99 11.56 -0.97 -10.89
C GLY A 99 10.58 -0.47 -9.84
N TYR A 100 9.34 -0.24 -10.25
CA TYR A 100 8.36 0.38 -9.35
C TYR A 100 8.19 -0.44 -8.08
N ASP A 101 7.79 -1.70 -8.22
CA ASP A 101 7.61 -2.52 -7.03
C ASP A 101 8.94 -2.97 -6.44
N CYS A 102 9.92 -3.32 -7.29
CA CYS A 102 11.20 -3.88 -6.85
C CYS A 102 12.34 -2.97 -7.27
N PRO A 103 12.64 -1.93 -6.49
CA PRO A 103 13.73 -1.03 -6.86
C PRO A 103 15.06 -1.75 -6.94
N ALA A 104 15.85 -1.39 -7.95
CA ALA A 104 17.24 -1.84 -8.02
C ALA A 104 18.05 -0.95 -7.08
N THR A 105 18.60 -1.54 -6.03
CA THR A 105 19.45 -0.82 -5.09
C THR A 105 20.74 -1.61 -4.91
N GLU A 106 21.79 -0.91 -4.45
CA GLU A 106 23.09 -1.55 -4.33
C GLU A 106 23.06 -2.63 -3.24
N GLY A 107 23.69 -3.76 -3.52
CA GLY A 107 23.72 -4.86 -2.57
C GLY A 107 22.45 -5.68 -2.51
N ILE A 108 21.49 -5.44 -3.39
CA ILE A 108 20.25 -6.23 -3.33
C ILE A 108 20.52 -7.69 -3.65
N PHE A 109 21.56 -7.97 -4.44
CA PHE A 109 21.91 -9.36 -4.73
C PHE A 109 22.45 -10.07 -3.50
N ASP A 110 23.32 -9.40 -2.73
CA ASP A 110 23.81 -9.99 -1.50
C ASP A 110 22.69 -10.17 -0.49
N TYR A 111 21.78 -9.21 -0.45
CA TYR A 111 20.62 -9.34 0.41
C TYR A 111 19.80 -10.57 0.03
N ALA A 112 19.55 -10.75 -1.27
CA ALA A 112 18.75 -11.89 -1.71
C ALA A 112 19.46 -13.20 -1.40
N ALA A 113 20.75 -13.29 -1.72
CA ALA A 113 21.48 -14.52 -1.44
C ALA A 113 21.49 -14.83 0.05
N ALA A 114 21.52 -13.80 0.90
CA ALA A 114 21.48 -14.03 2.33
C ALA A 114 20.13 -14.62 2.76
N ILE A 115 19.03 -14.05 2.28
CA ILE A 115 17.69 -14.56 2.62
C ILE A 115 17.51 -15.98 2.10
N GLY A 116 17.84 -16.18 0.82
CA GLY A 116 17.76 -17.52 0.25
C GLY A 116 18.62 -18.52 1.00
N GLY A 117 19.84 -18.14 1.34
CA GLY A 117 20.70 -19.07 2.06
C GLY A 117 20.17 -19.38 3.44
N ALA A 118 19.56 -18.38 4.09
CA ALA A 118 19.02 -18.58 5.43
C ALA A 118 17.89 -19.60 5.41
N THR A 119 16.98 -19.50 4.44
CA THR A 119 15.90 -20.48 4.37
C THR A 119 16.44 -21.86 3.96
N ILE A 120 17.42 -21.90 3.06
CA ILE A 120 18.03 -23.19 2.70
C ILE A 120 18.70 -23.82 3.92
N THR A 121 19.36 -22.99 4.72
CA THR A 121 20.01 -23.49 5.92
C THR A 121 18.99 -24.12 6.85
N ALA A 122 17.86 -23.43 7.04
CA ALA A 122 16.79 -23.95 7.86
C ALA A 122 16.30 -25.29 7.33
N ALA A 123 16.12 -25.38 6.01
CA ALA A 123 15.67 -26.61 5.39
C ALA A 123 16.67 -27.74 5.63
N GLN A 124 17.97 -27.42 5.58
CA GLN A 124 19.00 -28.43 5.77
C GLN A 124 19.03 -28.94 7.20
N CYS A 125 18.81 -28.05 8.17
CA CYS A 125 18.69 -28.49 9.55
C CYS A 125 17.54 -29.47 9.72
N LEU A 126 16.44 -29.23 9.00
CA LEU A 126 15.29 -30.13 9.05
C LEU A 126 15.63 -31.49 8.43
N ILE A 127 16.29 -31.48 7.27
CA ILE A 127 16.70 -32.72 6.61
C ILE A 127 17.63 -33.52 7.50
N ASP A 128 18.60 -32.85 8.13
CA ASP A 128 19.60 -33.51 8.94
C ASP A 128 19.07 -34.01 10.28
N GLY A 129 17.81 -33.74 10.62
CA GLY A 129 17.29 -34.16 11.90
C GLY A 129 17.74 -33.33 13.09
N MET A 130 18.38 -32.19 12.86
CA MET A 130 18.77 -31.33 13.97
C MET A 130 17.58 -30.85 14.77
N CYS A 131 16.41 -30.78 14.15
CA CYS A 131 15.23 -30.19 14.78
C CYS A 131 13.99 -30.66 14.03
N LYS A 132 12.84 -30.42 14.65
CA LYS A 132 11.56 -30.54 13.96
C LYS A 132 11.02 -29.20 13.48
N VAL A 133 11.50 -28.09 14.04
CA VAL A 133 11.06 -26.74 13.69
C VAL A 133 12.29 -25.87 13.47
N ALA A 134 12.38 -25.24 12.31
CA ALA A 134 13.45 -24.29 11.99
C ALA A 134 12.82 -22.98 11.55
N ILE A 135 13.31 -21.87 12.12
CA ILE A 135 12.67 -20.55 12.00
C ILE A 135 13.60 -19.60 11.26
N ASN A 136 13.09 -18.98 10.18
CA ASN A 136 13.78 -17.86 9.52
C ASN A 136 12.74 -16.74 9.37
N TRP A 137 12.64 -15.88 10.40
CA TRP A 137 11.65 -14.82 10.36
C TRP A 137 11.91 -13.79 9.25
N SER A 138 13.13 -13.73 8.71
CA SER A 138 13.43 -12.77 7.65
C SER A 138 13.13 -13.31 6.25
N GLY A 139 12.69 -14.56 6.13
CA GLY A 139 12.31 -15.13 4.84
C GLY A 139 10.82 -14.95 4.55
N GLY A 140 10.35 -15.68 3.55
CA GLY A 140 8.96 -15.66 3.18
C GLY A 140 8.58 -14.80 1.98
N TRP A 141 9.49 -14.53 1.06
CA TRP A 141 9.24 -13.60 -0.05
C TRP A 141 8.58 -14.35 -1.20
N HIS A 142 7.26 -14.52 -1.06
CA HIS A 142 6.49 -15.52 -1.79
C HIS A 142 6.12 -15.12 -3.22
N HIS A 143 6.40 -13.91 -3.67
CA HIS A 143 5.94 -13.50 -5.00
C HIS A 143 6.97 -13.69 -6.12
N ALA A 144 8.25 -13.83 -5.80
CA ALA A 144 9.25 -13.82 -6.87
C ALA A 144 9.12 -15.04 -7.77
N LYS A 145 9.30 -14.83 -9.07
N LYS A 145 9.28 -14.83 -9.07
CA LYS A 145 9.21 -15.90 -10.05
CA LYS A 145 9.21 -15.91 -10.05
C LYS A 145 10.61 -16.33 -10.48
C LYS A 145 10.61 -16.34 -10.48
N LYS A 146 10.67 -17.41 -11.27
CA LYS A 146 11.97 -17.93 -11.69
C LYS A 146 12.83 -16.85 -12.37
N ASP A 147 12.21 -15.94 -13.13
CA ASP A 147 12.97 -14.98 -13.92
C ASP A 147 12.50 -13.53 -13.71
N GLU A 148 11.87 -13.22 -12.59
CA GLU A 148 11.30 -11.89 -12.43
C GLU A 148 11.07 -11.59 -10.95
N ALA A 149 11.54 -10.43 -10.49
CA ALA A 149 11.14 -9.94 -9.18
C ALA A 149 9.68 -9.50 -9.20
N SER A 150 9.03 -9.58 -8.05
CA SER A 150 7.62 -9.23 -8.00
C SER A 150 7.24 -8.90 -6.57
N GLY A 151 6.44 -7.84 -6.40
CA GLY A 151 5.88 -7.49 -5.11
C GLY A 151 6.89 -7.38 -3.98
N PHE A 152 7.99 -6.68 -4.25
CA PHE A 152 9.12 -6.48 -3.33
C PHE A 152 9.87 -7.76 -3.03
N CYS A 153 9.68 -8.84 -3.80
CA CYS A 153 10.41 -10.08 -3.61
C CYS A 153 11.41 -10.23 -4.74
N TYR A 154 12.70 -10.29 -4.39
CA TYR A 154 13.76 -10.43 -5.40
C TYR A 154 14.13 -11.88 -5.65
N LEU A 155 13.94 -12.73 -4.66
CA LEU A 155 14.33 -14.12 -4.70
C LEU A 155 13.27 -14.88 -3.94
N ASN A 156 12.89 -16.07 -4.41
CA ASN A 156 11.82 -16.81 -3.72
C ASN A 156 12.48 -17.84 -2.81
N ASP A 157 12.75 -17.41 -1.57
CA ASP A 157 13.41 -18.28 -0.61
C ASP A 157 12.54 -19.45 -0.20
N ALA A 158 11.21 -19.27 -0.17
CA ALA A 158 10.32 -20.38 0.15
C ALA A 158 10.45 -21.50 -0.89
N VAL A 159 10.45 -21.15 -2.17
CA VAL A 159 10.67 -22.16 -3.20
C VAL A 159 12.02 -22.83 -3.01
N LEU A 160 13.08 -22.03 -2.76
CA LEU A 160 14.39 -22.62 -2.52
C LEU A 160 14.37 -23.57 -1.33
N GLY A 161 13.69 -23.18 -0.25
CA GLY A 161 13.56 -24.07 0.90
C GLY A 161 12.83 -25.34 0.56
N ILE A 162 11.75 -25.24 -0.22
CA ILE A 162 10.99 -26.42 -0.60
C ILE A 162 11.85 -27.33 -1.47
N LEU A 163 12.57 -26.76 -2.44
CA LEU A 163 13.42 -27.58 -3.29
C LEU A 163 14.51 -28.27 -2.49
N ARG A 164 14.98 -27.64 -1.40
CA ARG A 164 15.95 -28.31 -0.55
C ARG A 164 15.29 -29.46 0.22
N LEU A 165 14.11 -29.20 0.79
CA LEU A 165 13.37 -30.27 1.47
C LEU A 165 13.11 -31.45 0.56
N ARG A 166 12.93 -31.20 -0.75
CA ARG A 166 12.65 -32.28 -1.70
C ARG A 166 13.78 -33.29 -1.78
N ARG A 167 14.98 -32.96 -1.29
CA ARG A 167 16.03 -33.96 -1.26
C ARG A 167 15.64 -35.15 -0.40
N LYS A 168 14.77 -34.95 0.56
CA LYS A 168 14.38 -36.00 1.51
C LYS A 168 12.89 -36.28 1.52
N PHE A 169 12.05 -35.26 1.38
CA PHE A 169 10.63 -35.41 1.71
C PHE A 169 9.83 -35.54 0.43
N GLU A 170 9.06 -36.62 0.32
CA GLU A 170 8.35 -36.96 -0.89
C GLU A 170 7.12 -36.09 -1.10
N ARG A 171 6.51 -35.61 -0.01
CA ARG A 171 5.33 -34.74 -0.12
C ARG A 171 5.52 -33.58 0.85
N ILE A 172 5.49 -32.37 0.31
CA ILE A 172 5.73 -31.15 1.07
C ILE A 172 4.49 -30.27 0.96
N LEU A 173 4.02 -29.79 2.12
CA LEU A 173 2.90 -28.88 2.17
C LEU A 173 3.41 -27.46 2.44
N TYR A 174 3.02 -26.53 1.58
CA TYR A 174 3.32 -25.12 1.78
C TYR A 174 2.03 -24.44 2.16
N VAL A 175 2.04 -23.76 3.31
CA VAL A 175 0.89 -23.02 3.82
C VAL A 175 1.29 -21.55 3.89
N ASP A 176 0.47 -20.69 3.29
CA ASP A 176 0.80 -19.27 3.13
C ASP A 176 -0.32 -18.47 3.80
N LEU A 177 -0.05 -17.92 4.98
CA LEU A 177 -1.07 -17.15 5.69
C LEU A 177 -0.86 -15.66 5.58
N ASP A 178 0.03 -15.22 4.68
CA ASP A 178 0.16 -13.82 4.32
C ASP A 178 -1.17 -13.25 3.83
N LEU A 179 -1.35 -11.93 3.97
CA LEU A 179 -2.52 -11.28 3.41
C LEU A 179 -2.68 -11.55 1.92
N HIS A 180 -1.58 -11.67 1.19
CA HIS A 180 -1.59 -11.77 -0.26
C HIS A 180 -1.42 -13.21 -0.72
N HIS A 181 -1.94 -13.52 -1.91
CA HIS A 181 -1.77 -14.84 -2.52
C HIS A 181 -0.30 -15.17 -2.71
N GLY A 182 0.10 -16.37 -2.27
CA GLY A 182 1.45 -16.86 -2.51
C GLY A 182 1.64 -17.35 -3.94
N ASP A 183 1.53 -16.43 -4.91
CA ASP A 183 1.48 -16.85 -6.32
C ASP A 183 2.81 -17.40 -6.80
N GLY A 184 3.93 -16.81 -6.34
CA GLY A 184 5.22 -17.27 -6.82
C GLY A 184 5.50 -18.71 -6.45
N VAL A 185 5.16 -19.09 -5.22
CA VAL A 185 5.36 -20.46 -4.76
C VAL A 185 4.37 -21.38 -5.44
N GLU A 186 3.10 -20.97 -5.52
CA GLU A 186 2.11 -21.78 -6.22
C GLU A 186 2.51 -22.03 -7.67
N ASP A 187 2.89 -20.97 -8.39
CA ASP A 187 3.24 -21.13 -9.80
C ASP A 187 4.46 -22.03 -9.96
N ALA A 188 5.43 -21.92 -9.05
CA ALA A 188 6.63 -22.75 -9.13
C ALA A 188 6.31 -24.24 -9.10
N PHE A 189 5.24 -24.62 -8.41
CA PHE A 189 4.90 -26.04 -8.26
C PHE A 189 3.54 -26.38 -8.87
N SER A 190 2.96 -25.52 -9.69
N SER A 190 3.00 -25.50 -9.72
CA SER A 190 1.58 -25.74 -10.13
CA SER A 190 1.65 -25.66 -10.24
C SER A 190 1.44 -26.99 -11.01
C SER A 190 1.46 -26.97 -11.00
N PHE A 191 2.54 -27.50 -11.59
CA PHE A 191 2.46 -28.69 -12.43
C PHE A 191 2.85 -29.97 -11.71
N THR A 192 3.09 -29.93 -10.40
CA THR A 192 3.57 -31.12 -9.70
C THR A 192 2.68 -31.45 -8.52
N SER A 193 2.64 -32.74 -8.18
CA SER A 193 1.89 -33.22 -7.03
C SER A 193 2.80 -33.57 -5.86
N LYS A 194 4.10 -33.33 -5.97
CA LYS A 194 5.01 -33.53 -4.85
C LYS A 194 4.91 -32.42 -3.80
N VAL A 195 4.45 -31.25 -4.21
CA VAL A 195 4.31 -30.09 -3.33
C VAL A 195 2.88 -29.60 -3.47
N MET A 196 2.14 -29.55 -2.37
CA MET A 196 0.83 -28.94 -2.33
C MET A 196 0.94 -27.55 -1.72
N THR A 197 0.41 -26.54 -2.42
CA THR A 197 0.37 -25.17 -1.88
C THR A 197 -1.04 -24.84 -1.40
N VAL A 198 -1.12 -24.18 -0.24
CA VAL A 198 -2.38 -23.74 0.36
C VAL A 198 -2.19 -22.28 0.73
N SER A 199 -2.99 -21.40 0.16
CA SER A 199 -2.89 -19.99 0.50
C SER A 199 -4.24 -19.47 0.94
N LEU A 200 -4.27 -18.83 2.11
CA LEU A 200 -5.40 -18.02 2.56
C LEU A 200 -5.02 -16.57 2.32
N HIS A 201 -5.90 -15.82 1.67
CA HIS A 201 -5.49 -14.47 1.28
C HIS A 201 -6.72 -13.66 0.91
N LYS A 202 -6.57 -12.35 0.99
CA LYS A 202 -7.56 -11.45 0.44
C LYS A 202 -7.64 -11.61 -1.06
N PHE A 203 -8.85 -11.81 -1.58
CA PHE A 203 -9.06 -11.96 -3.01
C PHE A 203 -10.19 -11.04 -3.42
N SER A 204 -9.85 -10.07 -4.24
CA SER A 204 -10.82 -9.04 -4.56
C SER A 204 -10.32 -8.37 -5.83
N PRO A 205 -11.17 -8.19 -6.82
CA PRO A 205 -10.71 -7.57 -8.07
C PRO A 205 -10.02 -6.25 -7.82
N GLY A 206 -8.79 -6.13 -8.30
CA GLY A 206 -7.97 -4.98 -8.04
C GLY A 206 -6.94 -5.17 -6.95
N PHE A 207 -7.05 -6.23 -6.14
CA PHE A 207 -6.14 -6.44 -5.01
C PHE A 207 -5.00 -7.38 -5.40
N PHE A 208 -3.78 -6.95 -5.12
CA PHE A 208 -2.56 -7.63 -5.54
C PHE A 208 -2.46 -9.06 -4.96
N PRO A 209 -1.97 -10.02 -5.76
CA PRO A 209 -1.59 -9.92 -7.18
C PRO A 209 -2.71 -10.24 -8.16
N GLY A 210 -3.93 -10.44 -7.67
CA GLY A 210 -5.07 -10.67 -8.53
C GLY A 210 -5.37 -12.13 -8.85
N THR A 211 -4.54 -13.06 -8.39
CA THR A 211 -4.70 -14.48 -8.65
C THR A 211 -5.16 -15.19 -7.39
N GLY A 212 -5.46 -16.47 -7.52
CA GLY A 212 -5.74 -17.29 -6.35
C GLY A 212 -7.20 -17.34 -5.96
N ASP A 213 -8.09 -17.41 -6.95
CA ASP A 213 -9.49 -17.72 -6.66
C ASP A 213 -9.60 -19.19 -6.26
N VAL A 214 -10.75 -19.58 -5.70
CA VAL A 214 -10.88 -20.94 -5.24
C VAL A 214 -10.86 -21.93 -6.40
N SER A 215 -11.16 -21.46 -7.62
CA SER A 215 -11.13 -22.30 -8.82
C SER A 215 -9.71 -22.52 -9.34
N ASP A 216 -8.72 -21.83 -8.79
N ASP A 216 -8.73 -21.84 -8.76
CA ASP A 216 -7.34 -22.05 -9.20
CA ASP A 216 -7.32 -22.04 -9.12
C ASP A 216 -6.81 -23.24 -8.40
C ASP A 216 -6.82 -23.26 -8.37
N VAL A 217 -6.52 -24.35 -9.10
CA VAL A 217 -6.22 -25.63 -8.47
C VAL A 217 -4.94 -26.24 -9.02
N GLY A 218 -4.20 -25.49 -9.82
CA GLY A 218 -3.00 -26.01 -10.43
C GLY A 218 -3.28 -26.58 -11.79
N LEU A 219 -2.22 -27.06 -12.45
CA LEU A 219 -2.28 -27.41 -13.85
C LEU A 219 -1.70 -28.79 -14.12
N GLY A 220 -2.25 -29.46 -15.13
CA GLY A 220 -1.69 -30.72 -15.60
C GLY A 220 -1.62 -31.77 -14.50
N LYS A 221 -0.43 -32.35 -14.35
CA LYS A 221 -0.19 -33.34 -13.30
C LYS A 221 -0.36 -32.76 -11.91
N GLY A 222 -0.28 -31.44 -11.78
CA GLY A 222 -0.48 -30.82 -10.49
C GLY A 222 -1.90 -30.38 -10.23
N ARG A 223 -2.84 -30.66 -11.14
N ARG A 223 -2.84 -30.67 -11.13
CA ARG A 223 -4.21 -30.22 -10.95
CA ARG A 223 -4.23 -30.26 -10.94
C ARG A 223 -4.79 -30.83 -9.68
C ARG A 223 -4.78 -30.84 -9.66
N TYR A 224 -5.32 -29.96 -8.82
CA TYR A 224 -5.90 -30.20 -7.48
C TYR A 224 -4.83 -30.17 -6.40
N TYR A 225 -3.55 -29.93 -6.74
CA TYR A 225 -2.51 -29.83 -5.72
C TYR A 225 -2.15 -28.37 -5.41
N SER A 226 -3.00 -27.42 -5.81
CA SER A 226 -2.98 -26.07 -5.28
C SER A 226 -4.36 -25.78 -4.69
N VAL A 227 -4.37 -25.19 -3.50
CA VAL A 227 -5.58 -24.85 -2.78
C VAL A 227 -5.53 -23.36 -2.48
N ASN A 228 -6.60 -22.65 -2.81
CA ASN A 228 -6.69 -21.22 -2.60
C ASN A 228 -7.99 -20.92 -1.86
N VAL A 229 -7.88 -20.15 -0.79
CA VAL A 229 -9.02 -19.75 0.03
C VAL A 229 -9.17 -18.24 -0.06
N PRO A 230 -10.02 -17.73 -0.94
CA PRO A 230 -10.25 -16.28 -1.05
C PRO A 230 -11.10 -15.76 0.11
N ILE A 231 -10.58 -14.75 0.81
CA ILE A 231 -11.23 -14.21 2.00
C ILE A 231 -11.40 -12.70 1.81
N GLN A 232 -12.45 -12.15 2.44
CA GLN A 232 -12.75 -10.72 2.29
C GLN A 232 -12.22 -9.92 3.48
N ASP A 233 -12.34 -8.60 3.34
CA ASP A 233 -11.88 -7.66 4.37
C ASP A 233 -12.53 -7.94 5.72
N GLY A 234 -11.75 -7.72 6.78
CA GLY A 234 -12.29 -7.60 8.12
C GLY A 234 -12.37 -8.87 8.92
N ILE A 235 -11.83 -9.99 8.42
CA ILE A 235 -11.95 -11.24 9.13
C ILE A 235 -11.14 -11.17 10.43
N GLN A 236 -11.66 -11.78 11.49
CA GLN A 236 -11.05 -11.81 12.80
C GLN A 236 -10.64 -13.24 13.18
N ASP A 237 -10.04 -13.38 14.37
CA ASP A 237 -9.37 -14.63 14.75
C ASP A 237 -10.28 -15.85 14.63
N GLU A 238 -11.48 -15.80 15.21
CA GLU A 238 -12.28 -17.02 15.34
C GLU A 238 -12.71 -17.57 13.98
N LYS A 239 -13.24 -16.70 13.11
CA LYS A 239 -13.69 -17.19 11.81
C LYS A 239 -12.49 -17.59 10.94
N TYR A 240 -11.38 -16.86 11.06
CA TYR A 240 -10.17 -17.23 10.32
C TYR A 240 -9.71 -18.63 10.72
N TYR A 241 -9.66 -18.90 12.03
CA TYR A 241 -9.22 -20.22 12.47
C TYR A 241 -10.17 -21.31 11.99
N GLN A 242 -11.47 -21.04 11.99
CA GLN A 242 -12.43 -22.03 11.53
C GLN A 242 -12.17 -22.42 10.08
N ILE A 243 -11.95 -21.42 9.22
CA ILE A 243 -11.61 -21.67 7.83
C ILE A 243 -10.30 -22.43 7.74
N CYS A 244 -9.27 -21.94 8.42
CA CYS A 244 -7.94 -22.53 8.28
C CYS A 244 -7.96 -23.98 8.77
N GLU A 245 -8.57 -24.23 9.93
CA GLU A 245 -8.59 -25.58 10.47
C GLU A 245 -9.32 -26.54 9.51
N SER A 246 -10.47 -26.12 8.99
CA SER A 246 -11.23 -27.04 8.14
C SER A 246 -10.50 -27.35 6.84
N VAL A 247 -9.83 -26.35 6.25
CA VAL A 247 -9.03 -26.61 5.06
C VAL A 247 -7.85 -27.52 5.38
N LEU A 248 -7.14 -27.20 6.44
CA LEU A 248 -5.92 -27.95 6.73
C LEU A 248 -6.22 -29.37 7.18
N LYS A 249 -7.34 -29.57 7.87
CA LYS A 249 -7.78 -30.94 8.18
C LYS A 249 -8.03 -31.73 6.91
N GLU A 250 -8.79 -31.15 5.97
CA GLU A 250 -9.04 -31.86 4.71
C GLU A 250 -7.75 -32.08 3.95
N VAL A 251 -6.85 -31.09 3.98
CA VAL A 251 -5.60 -31.20 3.25
C VAL A 251 -4.73 -32.29 3.87
N TYR A 252 -4.64 -32.33 5.19
CA TYR A 252 -3.79 -33.32 5.84
C TYR A 252 -4.28 -34.73 5.54
N GLN A 253 -5.60 -34.96 5.62
CA GLN A 253 -6.15 -36.27 5.35
C GLN A 253 -5.92 -36.68 3.90
N ALA A 254 -6.04 -35.72 2.97
CA ALA A 254 -5.98 -36.07 1.55
C ALA A 254 -4.55 -36.20 1.05
N PHE A 255 -3.64 -35.37 1.58
CA PHE A 255 -2.29 -35.28 1.05
C PHE A 255 -1.25 -36.00 1.90
N ASN A 256 -1.48 -36.12 3.20
CA ASN A 256 -0.54 -36.77 4.12
C ASN A 256 0.87 -36.23 3.94
N PRO A 257 1.08 -34.93 4.16
CA PRO A 257 2.41 -34.36 3.94
C PRO A 257 3.43 -34.93 4.91
N LYS A 258 4.69 -34.91 4.49
CA LYS A 258 5.79 -35.31 5.34
C LYS A 258 6.63 -34.14 5.83
N ALA A 259 6.40 -32.93 5.30
CA ALA A 259 7.11 -31.75 5.76
C ALA A 259 6.25 -30.55 5.41
N VAL A 260 6.41 -29.47 6.17
CA VAL A 260 5.58 -28.28 6.04
C VAL A 260 6.49 -27.06 5.96
N VAL A 261 6.20 -26.15 5.03
CA VAL A 261 6.77 -24.81 5.01
C VAL A 261 5.62 -23.85 5.26
N LEU A 262 5.76 -23.01 6.26
CA LEU A 262 4.67 -22.16 6.72
C LEU A 262 5.11 -20.70 6.63
N GLN A 263 4.40 -19.93 5.82
CA GLN A 263 4.66 -18.50 5.67
C GLN A 263 3.64 -17.73 6.50
N LEU A 264 4.13 -16.83 7.34
CA LEU A 264 3.30 -16.16 8.34
C LEU A 264 3.42 -14.64 8.23
N GLY A 265 3.36 -14.10 7.01
CA GLY A 265 3.30 -12.65 6.83
C GLY A 265 2.30 -11.97 7.76
N ALA A 266 2.74 -10.94 8.49
CA ALA A 266 1.90 -10.31 9.50
C ALA A 266 1.13 -9.09 8.96
N ASP A 267 0.98 -8.96 7.64
CA ASP A 267 0.15 -7.90 7.09
C ASP A 267 -1.32 -8.24 7.14
N THR A 268 -1.69 -9.33 7.80
CA THR A 268 -3.07 -9.58 8.17
C THR A 268 -3.46 -8.98 9.51
N ILE A 269 -2.49 -8.54 10.30
CA ILE A 269 -2.72 -8.21 11.70
C ILE A 269 -3.33 -6.80 11.82
N ALA A 270 -4.32 -6.68 12.70
CA ALA A 270 -4.94 -5.38 13.00
C ALA A 270 -3.88 -4.31 13.25
N GLY A 271 -4.05 -3.17 12.58
CA GLY A 271 -3.08 -2.09 12.67
C GLY A 271 -2.07 -2.06 11.55
N ASP A 272 -2.07 -3.04 10.66
CA ASP A 272 -1.19 -2.94 9.51
C ASP A 272 -1.74 -1.88 8.55
N PRO A 273 -0.87 -1.09 7.93
CA PRO A 273 -1.35 -0.12 6.93
C PRO A 273 -2.16 -0.73 5.80
N MET A 274 -2.03 -2.03 5.52
CA MET A 274 -2.89 -2.66 4.50
C MET A 274 -4.35 -2.51 4.87
N CYS A 275 -4.65 -2.51 6.17
CA CYS A 275 -6.00 -2.26 6.70
C CYS A 275 -7.05 -3.13 6.01
N SER A 276 -6.74 -4.43 5.86
CA SER A 276 -7.63 -5.35 5.17
C SER A 276 -8.19 -6.38 6.16
N PHE A 277 -7.39 -7.36 6.57
CA PHE A 277 -7.85 -8.30 7.59
C PHE A 277 -7.77 -7.63 8.97
N ASN A 278 -8.31 -8.30 9.98
CA ASN A 278 -8.41 -7.74 11.33
C ASN A 278 -8.01 -8.80 12.35
N MET A 279 -6.88 -9.46 12.10
CA MET A 279 -6.41 -10.59 12.88
C MET A 279 -5.55 -10.12 14.04
N THR A 280 -5.37 -11.00 15.02
CA THR A 280 -4.37 -10.79 16.04
C THR A 280 -3.42 -11.99 16.02
N PRO A 281 -2.24 -11.87 16.65
CA PRO A 281 -1.33 -13.02 16.68
C PRO A 281 -1.91 -14.27 17.34
N VAL A 282 -2.90 -14.13 18.23
CA VAL A 282 -3.48 -15.30 18.87
C VAL A 282 -4.21 -16.16 17.85
N GLY A 283 -4.92 -15.54 16.91
CA GLY A 283 -5.60 -16.30 15.88
C GLY A 283 -4.64 -16.99 14.92
N ILE A 284 -3.63 -16.26 14.43
CA ILE A 284 -2.57 -16.91 13.64
C ILE A 284 -1.93 -18.03 14.45
N GLY A 285 -1.74 -17.80 15.75
CA GLY A 285 -1.11 -18.79 16.62
C GLY A 285 -1.90 -20.09 16.70
N LYS A 286 -3.22 -20.02 16.65
CA LYS A 286 -4.01 -21.25 16.66
C LYS A 286 -3.78 -22.06 15.39
N CYS A 287 -3.71 -21.38 14.23
CA CYS A 287 -3.37 -22.06 13.00
C CYS A 287 -2.01 -22.74 13.11
N LEU A 288 -1.05 -22.01 13.66
CA LEU A 288 0.30 -22.55 13.85
C LEU A 288 0.27 -23.77 14.76
N LYS A 289 -0.47 -23.69 15.87
CA LYS A 289 -0.57 -24.84 16.77
C LYS A 289 -1.13 -26.06 16.07
N TYR A 290 -2.14 -25.85 15.22
CA TYR A 290 -2.75 -26.96 14.49
C TYR A 290 -1.73 -27.64 13.59
N ILE A 291 -0.90 -26.85 12.91
CA ILE A 291 0.12 -27.43 12.06
C ILE A 291 1.19 -28.13 12.90
N LEU A 292 1.56 -27.53 14.02
CA LEU A 292 2.64 -28.10 14.84
C LEU A 292 2.26 -29.43 15.47
N GLN A 293 0.97 -29.63 15.80
CA GLN A 293 0.62 -30.92 16.40
C GLN A 293 0.67 -32.06 15.40
N TRP A 294 0.82 -31.78 14.10
CA TRP A 294 1.14 -32.83 13.16
C TRP A 294 2.49 -33.48 13.44
N GLN A 295 3.36 -32.78 14.15
CA GLN A 295 4.72 -33.24 14.50
C GLN A 295 5.54 -33.59 13.26
N LEU A 296 5.51 -32.72 12.26
CA LEU A 296 6.31 -32.89 11.06
C LEU A 296 7.47 -31.89 11.07
N ALA A 297 8.48 -32.20 10.26
CA ALA A 297 9.50 -31.21 9.92
C ALA A 297 8.83 -29.94 9.42
N THR A 298 9.07 -28.82 10.10
CA THR A 298 8.31 -27.60 9.82
C THR A 298 9.26 -26.41 9.69
N LEU A 299 9.22 -25.76 8.53
CA LEU A 299 10.05 -24.60 8.23
C LEU A 299 9.18 -23.34 8.38
N ILE A 300 9.51 -22.49 9.34
CA ILE A 300 8.74 -21.30 9.68
C ILE A 300 9.35 -20.09 9.00
N LEU A 301 8.54 -19.36 8.22
CA LEU A 301 8.97 -18.13 7.57
C LEU A 301 8.10 -16.96 7.99
N GLY A 302 8.69 -15.76 7.97
CA GLY A 302 7.92 -14.54 8.10
C GLY A 302 7.39 -14.13 6.75
N GLY A 303 7.51 -12.87 6.42
CA GLY A 303 7.07 -12.35 5.13
C GLY A 303 6.77 -10.87 5.26
N ALA A 304 5.66 -10.43 4.69
CA ALA A 304 5.33 -9.02 4.79
C ALA A 304 4.89 -8.65 6.21
N GLY A 305 4.67 -7.36 6.41
CA GLY A 305 4.40 -6.85 7.75
C GLY A 305 4.86 -5.42 7.82
N TYR A 306 3.93 -4.47 7.77
CA TYR A 306 4.27 -3.08 7.53
C TYR A 306 4.12 -2.18 8.75
N ASN A 307 3.43 -2.64 9.79
CA ASN A 307 3.47 -2.04 11.12
C ASN A 307 4.59 -2.78 11.86
N LEU A 308 5.74 -2.12 12.01
CA LEU A 308 6.94 -2.88 12.38
C LEU A 308 6.84 -3.44 13.79
N ALA A 309 6.35 -2.66 14.76
CA ALA A 309 6.24 -3.18 16.12
C ALA A 309 5.19 -4.27 16.22
N ASN A 310 4.06 -4.12 15.50
CA ASN A 310 3.06 -5.18 15.52
C ASN A 310 3.62 -6.47 14.91
N THR A 311 4.47 -6.34 13.88
CA THR A 311 5.05 -7.52 13.27
C THR A 311 6.01 -8.21 14.22
N ALA A 312 6.82 -7.43 14.93
CA ALA A 312 7.65 -8.00 15.98
C ALA A 312 6.80 -8.60 17.08
N ARG A 313 5.76 -7.88 17.50
CA ARG A 313 4.83 -8.44 18.47
C ARG A 313 4.31 -9.79 18.00
N CYS A 314 3.88 -9.86 16.75
CA CYS A 314 3.28 -11.09 16.26
C CYS A 314 4.28 -12.24 16.27
N TRP A 315 5.44 -12.03 15.63
CA TRP A 315 6.38 -13.13 15.45
C TRP A 315 7.04 -13.52 16.76
N THR A 316 7.22 -12.57 17.68
CA THR A 316 7.66 -12.92 19.03
C THR A 316 6.63 -13.81 19.71
N TYR A 317 5.35 -13.41 19.67
CA TYR A 317 4.29 -14.24 20.23
C TYR A 317 4.31 -15.65 19.63
N LEU A 318 4.43 -15.74 18.30
CA LEU A 318 4.44 -17.03 17.63
C LEU A 318 5.66 -17.87 17.99
N THR A 319 6.82 -17.22 18.20
CA THR A 319 7.99 -17.94 18.70
C THR A 319 7.68 -18.57 20.07
N GLY A 320 7.04 -17.82 20.96
CA GLY A 320 6.56 -18.41 22.20
C GLY A 320 5.60 -19.57 21.98
N VAL A 321 4.69 -19.45 21.01
CA VAL A 321 3.81 -20.56 20.68
C VAL A 321 4.65 -21.79 20.31
N ILE A 322 5.67 -21.60 19.47
CA ILE A 322 6.48 -22.75 19.05
C ILE A 322 7.14 -23.41 20.24
N LEU A 323 7.58 -22.60 21.20
CA LEU A 323 8.28 -23.05 22.40
C LEU A 323 7.33 -23.43 23.52
N GLY A 324 6.02 -23.38 23.28
CA GLY A 324 5.06 -23.76 24.30
C GLY A 324 5.06 -22.88 25.53
N LYS A 325 5.47 -21.62 25.39
CA LYS A 325 5.56 -20.71 26.51
C LYS A 325 4.50 -19.62 26.41
N THR A 326 4.07 -19.16 27.56
CA THR A 326 3.20 -17.99 27.66
C THR A 326 4.08 -16.80 28.03
N LEU A 327 4.02 -15.75 27.23
CA LEU A 327 4.90 -14.61 27.40
C LEU A 327 4.21 -13.58 28.27
N SER A 328 5.01 -12.81 28.99
CA SER A 328 4.47 -11.72 29.81
C SER A 328 3.85 -10.65 28.92
N SER A 329 2.71 -10.10 29.36
CA SER A 329 2.03 -9.10 28.57
C SER A 329 2.84 -7.81 28.44
N GLU A 330 3.70 -7.50 29.42
CA GLU A 330 4.45 -6.25 29.38
C GLU A 330 5.64 -6.39 28.45
N ILE A 331 5.80 -5.43 27.54
CA ILE A 331 6.95 -5.42 26.64
C ILE A 331 8.20 -5.20 27.48
N PRO A 332 9.12 -6.16 27.52
CA PRO A 332 10.33 -5.96 28.32
C PRO A 332 11.21 -4.88 27.70
N ASP A 333 12.01 -4.25 28.55
CA ASP A 333 12.94 -3.24 28.07
C ASP A 333 13.94 -3.87 27.10
N HIS A 334 14.31 -3.11 26.08
CA HIS A 334 15.28 -3.51 25.07
C HIS A 334 15.50 -2.32 24.15
N GLU A 335 16.33 -2.48 23.12
CA GLU A 335 16.75 -1.35 22.30
C GLU A 335 15.57 -0.55 21.74
N PHE A 336 14.51 -1.22 21.31
CA PHE A 336 13.39 -0.56 20.64
C PHE A 336 12.16 -0.48 21.53
N PHE A 337 12.35 -0.47 22.85
CA PHE A 337 11.22 -0.40 23.77
C PHE A 337 10.27 0.73 23.39
N THR A 338 10.81 1.86 22.95
CA THR A 338 9.97 3.02 22.74
C THR A 338 9.02 2.87 21.56
N ALA A 339 9.34 1.99 20.60
CA ALA A 339 8.43 1.74 19.48
C ALA A 339 7.12 1.12 19.93
N TYR A 340 7.07 0.58 21.14
CA TYR A 340 5.89 -0.15 21.60
C TYR A 340 4.96 0.74 22.41
N GLY A 341 5.23 2.04 22.45
CA GLY A 341 4.37 2.99 23.14
C GLY A 341 3.09 3.25 22.38
N PRO A 342 2.11 3.88 23.06
CA PRO A 342 2.25 4.34 24.43
C PRO A 342 1.75 3.35 25.49
N ASP A 343 1.33 2.16 25.08
CA ASP A 343 0.78 1.20 26.04
C ASP A 343 1.73 0.07 26.38
N TYR A 344 2.72 -0.21 25.53
CA TYR A 344 3.82 -1.15 25.81
C TYR A 344 3.33 -2.54 26.24
N VAL A 345 2.34 -3.07 25.53
CA VAL A 345 1.93 -4.44 25.75
C VAL A 345 2.14 -5.25 24.47
N LEU A 346 2.14 -6.57 24.63
CA LEU A 346 2.33 -7.52 23.54
C LEU A 346 1.05 -7.78 22.77
N GLU A 347 -0.10 -7.68 23.45
CA GLU A 347 -1.38 -7.96 22.84
C GLU A 347 -1.75 -6.89 21.82
N ILE A 348 -2.46 -7.31 20.78
CA ILE A 348 -2.96 -6.43 19.75
C ILE A 348 -4.48 -6.50 19.76
N THR A 349 -5.12 -5.35 19.67
CA THR A 349 -6.57 -5.19 19.70
C THR A 349 -7.12 -5.06 18.29
N PRO A 350 -8.12 -5.87 17.92
CA PRO A 350 -8.73 -5.71 16.60
C PRO A 350 -9.36 -4.33 16.44
N SER A 351 -9.38 -3.85 15.20
CA SER A 351 -10.07 -2.62 14.86
C SER A 351 -11.58 -2.83 14.89
N CYS A 352 -12.31 -1.74 15.12
N CYS A 352 -12.31 -1.74 15.11
CA CYS A 352 -13.77 -1.77 15.10
CA CYS A 352 -13.77 -1.80 15.11
C CYS A 352 -14.26 -1.47 13.69
C CYS A 352 -14.28 -1.48 13.70
N ARG A 353 -14.21 -2.46 12.83
CA ARG A 353 -14.72 -2.32 11.48
C ARG A 353 -15.32 -3.65 11.04
N PRO A 354 -16.21 -3.62 10.04
CA PRO A 354 -17.04 -4.80 9.77
C PRO A 354 -16.23 -5.95 9.19
N ASP A 355 -16.70 -7.16 9.47
CA ASP A 355 -16.22 -8.37 8.82
C ASP A 355 -17.08 -8.59 7.58
N ARG A 356 -16.45 -8.55 6.40
N ARG A 356 -16.44 -8.58 6.42
CA ARG A 356 -17.20 -8.62 5.16
CA ARG A 356 -17.15 -8.63 5.15
C ARG A 356 -17.32 -10.05 4.62
C ARG A 356 -17.31 -10.05 4.61
N ASN A 357 -17.08 -11.07 5.43
CA ASN A 357 -17.15 -12.46 5.00
C ASN A 357 -18.53 -13.03 5.31
N GLU A 358 -19.31 -13.29 4.27
CA GLU A 358 -20.62 -13.91 4.44
C GLU A 358 -20.46 -15.39 4.76
N PRO A 359 -21.08 -15.88 5.83
CA PRO A 359 -20.88 -17.29 6.21
C PRO A 359 -21.23 -18.29 5.13
N HIS A 360 -22.23 -18.02 4.28
CA HIS A 360 -22.57 -18.99 3.26
C HIS A 360 -21.61 -18.95 2.07
N ARG A 361 -20.99 -17.81 1.80
CA ARG A 361 -19.95 -17.79 0.79
C ARG A 361 -18.71 -18.56 1.28
N ILE A 362 -18.35 -18.37 2.56
CA ILE A 362 -17.23 -19.11 3.14
C ILE A 362 -17.49 -20.60 3.05
N GLN A 363 -18.71 -21.05 3.40
CA GLN A 363 -18.99 -22.47 3.35
C GLN A 363 -18.98 -23.00 1.93
N GLN A 364 -19.44 -22.20 0.97
CA GLN A 364 -19.34 -22.59 -0.43
C GLN A 364 -17.89 -22.82 -0.85
N ILE A 365 -16.99 -21.95 -0.40
CA ILE A 365 -15.57 -22.11 -0.70
C ILE A 365 -15.06 -23.42 -0.11
N LEU A 366 -15.38 -23.67 1.17
CA LEU A 366 -14.95 -24.90 1.83
C LEU A 366 -15.49 -26.14 1.12
N ASN A 367 -16.77 -26.10 0.68
CA ASN A 367 -17.32 -27.22 -0.07
C ASN A 367 -16.56 -27.43 -1.37
N TYR A 368 -16.29 -26.34 -2.09
N TYR A 368 -16.26 -26.34 -2.08
CA TYR A 368 -15.51 -26.44 -3.33
CA TYR A 368 -15.51 -26.44 -3.33
C TYR A 368 -14.17 -27.13 -3.09
C TYR A 368 -14.16 -27.10 -3.12
N ILE A 369 -13.44 -26.67 -2.07
CA ILE A 369 -12.13 -27.25 -1.77
C ILE A 369 -12.25 -28.71 -1.39
N LYS A 370 -13.22 -29.05 -0.54
CA LYS A 370 -13.42 -30.44 -0.17
C LYS A 370 -13.61 -31.32 -1.40
N GLY A 371 -14.41 -30.84 -2.36
CA GLY A 371 -14.57 -31.59 -3.60
C GLY A 371 -13.29 -31.70 -4.40
N ASN A 372 -12.51 -30.61 -4.46
CA ASN A 372 -11.23 -30.63 -5.15
C ASN A 372 -10.31 -31.69 -4.55
N LEU A 373 -10.27 -31.76 -3.21
CA LEU A 373 -9.35 -32.65 -2.52
C LEU A 373 -9.74 -34.12 -2.62
N LYS A 374 -10.98 -34.42 -3.02
CA LYS A 374 -11.35 -35.80 -3.26
C LYS A 374 -10.56 -36.40 -4.42
N HIS A 375 -10.04 -35.57 -5.32
CA HIS A 375 -9.21 -36.04 -6.42
C HIS A 375 -7.76 -36.31 -6.01
N VAL A 376 -7.35 -35.87 -4.82
CA VAL A 376 -5.94 -36.01 -4.41
C VAL A 376 -5.72 -37.39 -3.83
N VAL A 377 -4.65 -38.05 -4.28
CA VAL A 377 -4.29 -39.37 -3.77
C VAL A 377 -2.97 -39.26 -3.00
N ILE A 378 -2.72 -40.26 -2.18
CA ILE A 378 -1.49 -40.42 -1.39
C ILE A 378 -0.99 -39.11 -0.78
N LEU B 14 -8.31 33.27 -20.79
CA LEU B 14 -9.21 32.12 -20.86
C LEU B 14 -8.44 30.80 -20.99
N VAL B 15 -7.15 30.88 -21.33
CA VAL B 15 -6.31 29.71 -21.59
C VAL B 15 -5.73 29.19 -20.29
N PRO B 16 -5.84 27.89 -20.01
CA PRO B 16 -5.25 27.33 -18.78
C PRO B 16 -3.74 27.47 -18.76
N VAL B 17 -3.21 27.75 -17.57
CA VAL B 17 -1.77 27.75 -17.35
C VAL B 17 -1.34 26.35 -16.93
N TYR B 18 -0.31 25.83 -17.60
CA TYR B 18 0.27 24.52 -17.35
C TYR B 18 1.64 24.74 -16.75
N ILE B 19 1.80 24.46 -15.46
CA ILE B 19 3.10 24.60 -14.82
C ILE B 19 3.98 23.45 -15.29
N TYR B 20 5.00 23.76 -16.09
CA TYR B 20 5.89 22.74 -16.62
C TYR B 20 7.25 23.32 -16.93
N SER B 21 8.30 22.57 -16.58
CA SER B 21 9.58 22.69 -17.24
C SER B 21 10.20 21.31 -17.27
N PRO B 22 11.08 21.02 -18.24
CA PRO B 22 11.81 19.74 -18.20
C PRO B 22 12.56 19.57 -16.90
N GLU B 23 13.11 20.65 -16.35
CA GLU B 23 13.84 20.56 -15.09
C GLU B 23 12.93 20.21 -13.93
N TYR B 24 11.74 20.82 -13.91
CA TYR B 24 10.77 20.54 -12.86
C TYR B 24 10.37 19.06 -12.88
N VAL B 25 10.06 18.53 -14.06
CA VAL B 25 9.61 17.14 -14.14
C VAL B 25 10.71 16.20 -13.67
N SER B 26 11.95 16.48 -14.06
CA SER B 26 13.07 15.65 -13.60
C SER B 26 13.24 15.74 -12.09
N MET B 27 13.12 16.94 -11.53
CA MET B 27 13.14 17.08 -10.07
C MET B 27 12.04 16.24 -9.43
N CYS B 28 10.81 16.35 -9.95
CA CYS B 28 9.70 15.63 -9.36
C CYS B 28 9.87 14.12 -9.45
N ASP B 29 10.67 13.63 -10.38
CA ASP B 29 10.85 12.19 -10.54
C ASP B 29 12.06 11.63 -9.79
N SER B 30 12.81 12.46 -9.09
CA SER B 30 14.00 11.98 -8.40
C SER B 30 13.69 11.45 -7.00
N PRO B 35 8.26 6.66 -8.88
CA PRO B 35 9.35 6.87 -9.83
C PRO B 35 8.86 7.12 -11.25
N LYS B 36 9.34 8.21 -11.84
CA LYS B 36 9.03 8.64 -13.20
C LYS B 36 7.56 9.03 -13.40
N ARG B 37 6.79 9.19 -12.32
CA ARG B 37 5.37 9.47 -12.51
C ARG B 37 5.17 10.83 -13.18
N ALA B 38 5.96 11.83 -12.79
CA ALA B 38 5.79 13.16 -13.39
C ALA B 38 6.08 13.13 -14.89
N SER B 39 7.09 12.36 -15.32
CA SER B 39 7.34 12.21 -16.75
C SER B 39 6.20 11.49 -17.44
N MET B 40 5.66 10.45 -16.81
CA MET B 40 4.55 9.73 -17.43
C MET B 40 3.35 10.64 -17.66
N VAL B 41 2.98 11.42 -16.64
CA VAL B 41 1.83 12.33 -16.73
C VAL B 41 2.05 13.35 -17.85
N HIS B 42 3.19 14.06 -17.81
CA HIS B 42 3.46 15.05 -18.84
C HIS B 42 3.59 14.38 -20.21
N SER B 43 4.27 13.24 -20.27
CA SER B 43 4.46 12.55 -21.55
C SER B 43 3.13 12.20 -22.19
N LEU B 44 2.16 11.73 -21.39
CA LEU B 44 0.86 11.40 -21.97
C LEU B 44 0.09 12.67 -22.37
N ILE B 45 0.12 13.70 -21.52
CA ILE B 45 -0.52 14.97 -21.89
C ILE B 45 0.08 15.50 -23.18
N GLU B 46 1.40 15.42 -23.32
CA GLU B 46 2.06 15.85 -24.55
C GLU B 46 1.64 14.96 -25.73
N ALA B 47 1.55 13.65 -25.52
CA ALA B 47 1.19 12.78 -26.63
C ALA B 47 -0.24 13.01 -27.11
N TYR B 48 -1.12 13.57 -26.28
CA TYR B 48 -2.43 13.99 -26.72
C TYR B 48 -2.44 15.42 -27.22
N ALA B 49 -1.27 16.07 -27.27
CA ALA B 49 -1.07 17.41 -27.81
C ALA B 49 -1.77 18.49 -26.99
N LEU B 50 -2.07 18.21 -25.71
CA LEU B 50 -2.85 19.15 -24.92
C LEU B 50 -2.04 20.34 -24.44
N HIS B 51 -0.72 20.18 -24.30
CA HIS B 51 0.12 21.29 -23.86
C HIS B 51 0.12 22.44 -24.87
N LYS B 52 -0.09 22.15 -26.15
CA LYS B 52 -0.18 23.19 -27.17
C LYS B 52 -1.45 24.03 -27.03
N GLN B 53 -2.44 23.55 -26.26
CA GLN B 53 -3.66 24.30 -26.01
C GLN B 53 -3.62 25.03 -24.68
N MET B 54 -2.47 25.04 -24.01
CA MET B 54 -2.32 25.65 -22.71
C MET B 54 -1.14 26.61 -22.73
N ARG B 55 -1.11 27.51 -21.75
CA ARG B 55 0.00 28.45 -21.58
C ARG B 55 1.02 27.83 -20.62
N ILE B 56 2.17 27.44 -21.17
CA ILE B 56 3.19 26.76 -20.36
C ILE B 56 4.00 27.80 -19.60
N VAL B 57 3.99 27.68 -18.28
CA VAL B 57 4.74 28.58 -17.42
C VAL B 57 5.78 27.76 -16.67
N LYS B 58 7.03 28.20 -16.75
CA LYS B 58 8.09 27.58 -15.99
C LYS B 58 7.90 27.89 -14.51
N PRO B 59 7.97 26.89 -13.64
CA PRO B 59 7.84 27.16 -12.20
C PRO B 59 9.09 27.82 -11.63
N LYS B 60 8.87 28.75 -10.70
CA LYS B 60 9.94 29.27 -9.86
C LYS B 60 10.23 28.28 -8.74
N VAL B 61 11.45 28.33 -8.24
CA VAL B 61 11.83 27.57 -7.05
C VAL B 61 11.54 28.41 -5.82
N ALA B 62 10.94 27.79 -4.81
CA ALA B 62 10.53 28.52 -3.62
C ALA B 62 11.74 28.93 -2.79
N SER B 63 11.80 30.22 -2.44
CA SER B 63 12.84 30.71 -1.54
C SER B 63 12.54 30.25 -0.11
N MET B 64 13.53 30.40 0.76
CA MET B 64 13.34 30.05 2.17
C MET B 64 12.22 30.88 2.77
N GLU B 65 12.15 32.17 2.41
CA GLU B 65 11.10 33.03 2.90
C GLU B 65 9.72 32.49 2.50
N GLU B 66 9.59 32.05 1.25
CA GLU B 66 8.29 31.61 0.76
C GLU B 66 7.83 30.34 1.47
N MET B 67 8.73 29.38 1.65
CA MET B 67 8.37 28.16 2.36
C MET B 67 8.08 28.40 3.84
N ALA B 68 8.70 29.42 4.43
CA ALA B 68 8.52 29.69 5.85
C ALA B 68 7.21 30.40 6.16
N THR B 69 6.44 30.79 5.14
CA THR B 69 5.09 31.28 5.40
C THR B 69 4.21 30.24 6.07
N PHE B 70 4.51 28.95 5.90
CA PHE B 70 3.82 27.90 6.64
C PHE B 70 4.77 27.09 7.51
N HIS B 71 5.89 26.62 6.95
CA HIS B 71 6.75 25.70 7.65
C HIS B 71 7.73 26.47 8.57
N THR B 72 8.02 25.88 9.72
CA THR B 72 8.94 26.51 10.65
C THR B 72 10.36 26.51 10.08
N ASP B 73 11.15 27.48 10.54
CA ASP B 73 12.52 27.59 10.07
C ASP B 73 13.34 26.39 10.51
N ALA B 74 13.10 25.90 11.72
CA ALA B 74 13.82 24.72 12.19
C ALA B 74 13.59 23.53 11.25
N TYR B 75 12.34 23.32 10.84
CA TYR B 75 12.06 22.22 9.91
C TYR B 75 12.71 22.50 8.56
N LEU B 76 12.59 23.73 8.04
CA LEU B 76 13.17 24.02 6.73
C LEU B 76 14.68 23.92 6.75
N GLN B 77 15.32 24.44 7.82
CA GLN B 77 16.77 24.33 7.93
C GLN B 77 17.20 22.88 8.12
N HIS B 78 16.38 22.07 8.78
CA HIS B 78 16.72 20.66 8.91
C HIS B 78 16.69 19.96 7.55
N LEU B 79 15.68 20.24 6.73
CA LEU B 79 15.66 19.70 5.38
C LEU B 79 16.90 20.14 4.61
N GLN B 80 17.32 21.39 4.81
CA GLN B 80 18.51 21.86 4.11
C GLN B 80 19.77 21.16 4.62
N LYS B 81 19.83 20.85 5.92
CA LYS B 81 20.99 20.17 6.47
C LYS B 81 21.15 18.78 5.86
N VAL B 82 20.05 18.03 5.75
CA VAL B 82 20.18 16.65 5.28
C VAL B 82 20.49 16.61 3.79
N SER B 83 20.09 17.64 3.04
CA SER B 83 20.47 17.72 1.63
C SER B 83 21.98 17.88 1.48
N GLN B 84 22.64 18.42 2.50
CA GLN B 84 24.08 18.67 2.48
C GLN B 84 24.87 17.58 3.20
N GLU B 85 24.28 16.94 4.21
CA GLU B 85 25.02 15.96 5.03
C GLU B 85 24.36 14.59 5.00
N TYR B 96 11.66 15.00 12.90
CA TYR B 96 10.88 15.90 12.06
C TYR B 96 9.98 15.13 11.10
N GLY B 97 9.49 13.98 11.54
CA GLY B 97 8.69 13.11 10.71
C GLY B 97 9.44 12.43 9.59
N LEU B 98 10.69 12.78 9.36
CA LEU B 98 11.48 12.13 8.31
C LEU B 98 12.12 10.86 8.86
N THR B 105 16.63 11.45 2.30
CA THR B 105 17.63 11.47 1.24
C THR B 105 18.05 12.92 0.98
N GLU B 106 19.24 13.09 0.39
CA GLU B 106 19.62 14.41 -0.10
C GLU B 106 18.68 14.80 -1.23
N GLY B 107 18.61 16.10 -1.51
CA GLY B 107 17.69 16.54 -2.53
C GLY B 107 16.23 16.57 -2.13
N ILE B 108 15.88 16.10 -0.92
CA ILE B 108 14.54 16.38 -0.39
C ILE B 108 14.29 17.88 -0.33
N PHE B 109 15.30 18.65 0.07
CA PHE B 109 15.13 20.10 0.15
C PHE B 109 14.86 20.71 -1.21
N ASP B 110 15.66 20.33 -2.22
CA ASP B 110 15.39 20.87 -3.56
C ASP B 110 14.06 20.40 -4.10
N TYR B 111 13.65 19.18 -3.75
CA TYR B 111 12.36 18.68 -4.20
C TYR B 111 11.22 19.50 -3.58
N ALA B 112 11.31 19.77 -2.27
CA ALA B 112 10.29 20.58 -1.61
C ALA B 112 10.22 21.98 -2.20
N ALA B 113 11.37 22.63 -2.38
CA ALA B 113 11.39 23.99 -2.91
C ALA B 113 10.86 24.04 -4.33
N ALA B 114 11.10 22.98 -5.12
CA ALA B 114 10.57 22.93 -6.48
C ALA B 114 9.05 22.81 -6.49
N ILE B 115 8.51 21.90 -5.67
CA ILE B 115 7.08 21.67 -5.69
C ILE B 115 6.35 22.84 -5.03
N GLY B 116 6.85 23.30 -3.88
CA GLY B 116 6.30 24.50 -3.29
C GLY B 116 6.36 25.69 -4.24
N GLY B 117 7.52 25.88 -4.90
CA GLY B 117 7.63 26.97 -5.84
C GLY B 117 6.65 26.85 -7.00
N ALA B 118 6.43 25.62 -7.47
CA ALA B 118 5.51 25.41 -8.59
C ALA B 118 4.09 25.79 -8.21
N THR B 119 3.63 25.36 -7.04
CA THR B 119 2.26 25.69 -6.65
C THR B 119 2.13 27.18 -6.34
N ILE B 120 3.17 27.79 -5.78
CA ILE B 120 3.17 29.24 -5.57
C ILE B 120 3.09 29.97 -6.91
N THR B 121 3.86 29.50 -7.90
CA THR B 121 3.80 30.10 -9.23
C THR B 121 2.40 30.01 -9.81
N ALA B 122 1.76 28.84 -9.66
CA ALA B 122 0.38 28.69 -10.13
C ALA B 122 -0.53 29.72 -9.46
N ALA B 123 -0.39 29.89 -8.15
CA ALA B 123 -1.20 30.87 -7.43
C ALA B 123 -0.93 32.29 -7.93
N GLN B 124 0.34 32.62 -8.17
CA GLN B 124 0.69 33.94 -8.68
C GLN B 124 0.07 34.20 -10.04
N CYS B 125 0.02 33.18 -10.90
CA CYS B 125 -0.63 33.34 -12.20
C CYS B 125 -2.11 33.64 -12.05
N LEU B 126 -2.76 33.06 -11.03
CA LEU B 126 -4.17 33.34 -10.81
C LEU B 126 -4.36 34.73 -10.25
N ILE B 127 -3.46 35.17 -9.36
CA ILE B 127 -3.51 36.53 -8.85
C ILE B 127 -3.38 37.54 -9.99
N ASP B 128 -2.41 37.32 -10.88
CA ASP B 128 -2.11 38.24 -11.97
C ASP B 128 -3.14 38.20 -13.08
N GLY B 129 -4.23 37.44 -12.93
CA GLY B 129 -5.21 37.34 -13.99
C GLY B 129 -4.68 36.76 -15.28
N MET B 130 -3.49 36.14 -15.24
CA MET B 130 -2.98 35.44 -16.41
C MET B 130 -3.94 34.36 -16.90
N CYS B 131 -4.74 33.80 -16.00
CA CYS B 131 -5.59 32.64 -16.31
C CYS B 131 -6.69 32.55 -15.27
N LYS B 132 -7.68 31.71 -15.58
CA LYS B 132 -8.68 31.31 -14.58
C LYS B 132 -8.41 29.92 -14.00
N VAL B 133 -7.60 29.10 -14.67
CA VAL B 133 -7.22 27.78 -14.19
C VAL B 133 -5.71 27.64 -14.35
N ALA B 134 -5.03 27.24 -13.28
CA ALA B 134 -3.60 26.94 -13.30
C ALA B 134 -3.38 25.53 -12.75
N ILE B 135 -2.58 24.73 -13.46
CA ILE B 135 -2.43 23.31 -13.20
C ILE B 135 -1.03 23.03 -12.71
N ASN B 136 -0.91 22.43 -11.52
CA ASN B 136 0.33 21.80 -11.08
C ASN B 136 0.08 20.33 -10.75
N TRP B 137 0.16 19.45 -11.75
CA TRP B 137 -0.13 18.04 -11.50
C TRP B 137 0.84 17.38 -10.53
N SER B 138 2.03 17.94 -10.33
CA SER B 138 3.02 17.37 -9.41
C SER B 138 2.86 17.88 -7.98
N GLY B 139 1.91 18.76 -7.71
CA GLY B 139 1.64 19.22 -6.37
C GLY B 139 0.58 18.38 -5.67
N GLY B 140 0.07 18.92 -4.57
CA GLY B 140 -1.00 18.30 -3.80
C GLY B 140 -0.58 17.47 -2.60
N TRP B 141 0.55 17.80 -1.96
CA TRP B 141 1.11 16.95 -0.90
C TRP B 141 0.51 17.35 0.43
N HIS B 142 -0.73 16.89 0.64
CA HIS B 142 -1.66 17.49 1.58
C HIS B 142 -1.44 17.10 3.04
N HIS B 143 -0.53 16.18 3.35
CA HIS B 143 -0.39 15.75 4.74
C HIS B 143 0.64 16.55 5.55
N ALA B 144 1.55 17.26 4.92
CA ALA B 144 2.67 17.86 5.65
C ALA B 144 2.19 18.92 6.64
N LYS B 145 2.81 18.93 7.81
CA LYS B 145 2.52 19.91 8.85
C LYS B 145 3.60 20.98 8.86
N LYS B 146 3.37 22.04 9.63
CA LYS B 146 4.29 23.17 9.63
C LYS B 146 5.71 22.75 10.00
N ASP B 147 5.86 21.74 10.86
CA ASP B 147 7.18 21.36 11.38
C ASP B 147 7.49 19.87 11.20
N GLU B 148 6.81 19.18 10.28
CA GLU B 148 6.88 17.73 10.31
C GLU B 148 6.44 17.16 8.97
N ALA B 149 7.24 16.26 8.41
CA ALA B 149 6.80 15.52 7.24
C ALA B 149 5.78 14.48 7.66
N SER B 150 4.91 14.09 6.72
CA SER B 150 3.85 13.17 7.08
C SER B 150 3.26 12.56 5.81
N GLY B 151 3.02 11.25 5.86
CA GLY B 151 2.42 10.53 4.75
C GLY B 151 3.11 10.80 3.43
N PHE B 152 4.43 10.69 3.41
CA PHE B 152 5.26 10.92 2.22
C PHE B 152 5.15 12.34 1.69
N CYS B 153 4.72 13.29 2.52
CA CYS B 153 4.62 14.69 2.16
C CYS B 153 5.64 15.47 2.95
N TYR B 154 6.58 16.13 2.26
CA TYR B 154 7.63 16.86 2.94
C TYR B 154 7.32 18.34 3.09
N LEU B 155 6.62 18.92 2.13
CA LEU B 155 6.25 20.31 2.12
C LEU B 155 4.78 20.39 1.74
N ASN B 156 4.01 21.24 2.41
CA ASN B 156 2.59 21.33 2.10
C ASN B 156 2.41 22.45 1.08
N ASP B 157 2.53 22.08 -0.20
CA ASP B 157 2.46 23.07 -1.27
C ASP B 157 1.07 23.65 -1.41
N ALA B 158 0.03 22.86 -1.12
CA ALA B 158 -1.33 23.41 -1.15
C ALA B 158 -1.46 24.56 -0.15
N VAL B 159 -0.92 24.40 1.05
CA VAL B 159 -1.00 25.48 2.03
C VAL B 159 -0.26 26.70 1.53
N LEU B 160 0.94 26.50 0.96
CA LEU B 160 1.69 27.63 0.41
C LEU B 160 0.90 28.32 -0.69
N GLY B 161 0.26 27.53 -1.56
CA GLY B 161 -0.57 28.12 -2.60
C GLY B 161 -1.72 28.94 -2.02
N ILE B 162 -2.43 28.37 -1.04
CA ILE B 162 -3.55 29.08 -0.43
C ILE B 162 -3.07 30.38 0.23
N LEU B 163 -1.94 30.33 0.93
CA LEU B 163 -1.43 31.54 1.58
C LEU B 163 -1.04 32.60 0.55
N ARG B 164 -0.62 32.19 -0.65
CA ARG B 164 -0.33 33.15 -1.70
C ARG B 164 -1.62 33.72 -2.28
N LEU B 165 -2.58 32.85 -2.56
CA LEU B 165 -3.88 33.30 -3.08
C LEU B 165 -4.54 34.30 -2.14
N ARG B 166 -4.36 34.10 -0.83
CA ARG B 166 -5.04 34.90 0.19
C ARG B 166 -4.65 36.37 0.11
N ARG B 167 -3.51 36.68 -0.51
CA ARG B 167 -3.13 38.08 -0.69
C ARG B 167 -4.16 38.84 -1.50
N LYS B 168 -4.90 38.15 -2.37
CA LYS B 168 -5.86 38.79 -3.24
C LYS B 168 -7.30 38.34 -3.00
N PHE B 169 -7.53 37.07 -2.68
CA PHE B 169 -8.87 36.52 -2.60
C PHE B 169 -9.30 36.38 -1.15
N GLU B 170 -10.49 36.93 -0.84
CA GLU B 170 -10.91 37.08 0.55
C GLU B 170 -11.34 35.76 1.17
N ARG B 171 -11.93 34.86 0.38
CA ARG B 171 -12.35 33.54 0.85
C ARG B 171 -11.87 32.51 -0.15
N ILE B 172 -11.09 31.53 0.36
N ILE B 172 -11.10 31.52 0.34
CA ILE B 172 -10.52 30.45 -0.43
CA ILE B 172 -10.55 30.48 -0.51
C ILE B 172 -11.24 29.17 -0.06
C ILE B 172 -11.13 29.14 -0.09
N LEU B 173 -11.62 28.38 -1.06
CA LEU B 173 -12.18 27.06 -0.84
C LEU B 173 -11.16 26.02 -1.31
N TYR B 174 -10.81 25.09 -0.41
CA TYR B 174 -9.91 23.98 -0.72
C TYR B 174 -10.73 22.70 -0.77
N VAL B 175 -10.68 21.99 -1.89
CA VAL B 175 -11.43 20.76 -2.09
C VAL B 175 -10.44 19.63 -2.35
N ASP B 176 -10.54 18.56 -1.57
CA ASP B 176 -9.55 17.49 -1.54
C ASP B 176 -10.24 16.16 -1.90
N LEU B 177 -10.04 15.68 -3.12
CA LEU B 177 -10.67 14.44 -3.58
C LEU B 177 -9.71 13.26 -3.55
N ASP B 178 -8.53 13.42 -2.96
CA ASP B 178 -7.65 12.30 -2.66
C ASP B 178 -8.40 11.25 -1.84
N LEU B 179 -7.94 10.00 -1.96
CA LEU B 179 -8.52 8.92 -1.14
C LEU B 179 -8.41 9.21 0.36
N HIS B 180 -7.36 9.90 0.76
CA HIS B 180 -7.03 10.12 2.17
C HIS B 180 -7.48 11.51 2.62
N HIS B 181 -7.78 11.63 3.91
CA HIS B 181 -8.16 12.91 4.49
C HIS B 181 -7.06 13.93 4.29
N GLY B 182 -7.42 15.12 3.81
CA GLY B 182 -6.45 16.20 3.71
C GLY B 182 -6.14 16.87 5.03
N ASP B 183 -5.50 16.15 5.96
CA ASP B 183 -5.42 16.63 7.35
C ASP B 183 -4.46 17.80 7.48
N GLY B 184 -3.37 17.80 6.70
CA GLY B 184 -2.38 18.86 6.84
C GLY B 184 -2.93 20.21 6.45
N VAL B 185 -3.65 20.28 5.33
CA VAL B 185 -4.29 21.52 4.89
C VAL B 185 -5.38 21.93 5.87
N GLU B 186 -6.19 20.96 6.31
CA GLU B 186 -7.29 21.29 7.23
C GLU B 186 -6.75 21.84 8.54
N ASP B 187 -5.74 21.17 9.10
CA ASP B 187 -5.16 21.63 10.35
C ASP B 187 -4.53 23.01 10.19
N ALA B 188 -3.91 23.28 9.03
CA ALA B 188 -3.31 24.58 8.79
C ALA B 188 -4.32 25.71 8.94
N PHE B 189 -5.55 25.50 8.49
CA PHE B 189 -6.56 26.55 8.47
C PHE B 189 -7.70 26.28 9.43
N SER B 190 -7.48 25.42 10.43
N SER B 190 -7.47 25.41 10.42
CA SER B 190 -8.59 24.98 11.26
CA SER B 190 -8.55 24.97 11.29
C SER B 190 -9.19 26.13 12.07
C SER B 190 -9.19 26.14 12.03
N PHE B 191 -8.41 27.17 12.36
CA PHE B 191 -8.87 28.26 13.22
C PHE B 191 -9.32 29.50 12.45
N THR B 192 -9.50 29.42 11.14
CA THR B 192 -9.95 30.57 10.39
C THR B 192 -11.19 30.24 9.57
N SER B 193 -12.01 31.27 9.37
CA SER B 193 -13.21 31.21 8.54
C SER B 193 -12.97 31.77 7.15
N LYS B 194 -11.75 32.22 6.84
CA LYS B 194 -11.43 32.75 5.52
C LYS B 194 -10.97 31.66 4.54
N VAL B 195 -10.70 30.45 5.03
CA VAL B 195 -10.38 29.30 4.18
C VAL B 195 -11.23 28.14 4.64
N MET B 196 -12.10 27.65 3.76
CA MET B 196 -12.89 26.47 4.04
C MET B 196 -12.22 25.27 3.37
N THR B 197 -11.96 24.22 4.15
CA THR B 197 -11.46 22.96 3.61
C THR B 197 -12.57 21.92 3.56
N VAL B 198 -12.61 21.19 2.45
CA VAL B 198 -13.61 20.15 2.19
C VAL B 198 -12.83 18.92 1.71
N SER B 199 -12.96 17.81 2.43
CA SER B 199 -12.26 16.57 2.05
C SER B 199 -13.27 15.44 1.97
N LEU B 200 -13.27 14.73 0.83
CA LEU B 200 -13.94 13.45 0.65
C LEU B 200 -12.87 12.38 0.73
N HIS B 201 -13.08 11.35 1.55
CA HIS B 201 -11.99 10.41 1.81
C HIS B 201 -12.53 9.16 2.47
N LYS B 202 -11.72 8.11 2.41
CA LYS B 202 -12.00 6.89 3.16
C LYS B 202 -11.76 7.16 4.64
N PHE B 203 -12.72 6.75 5.46
CA PHE B 203 -12.61 6.92 6.90
C PHE B 203 -13.04 5.59 7.53
N SER B 204 -12.09 4.93 8.16
CA SER B 204 -12.27 3.57 8.68
C SER B 204 -11.20 3.34 9.73
N PRO B 205 -11.54 2.77 10.88
CA PRO B 205 -10.54 2.60 11.94
C PRO B 205 -9.29 1.90 11.46
N GLY B 206 -8.14 2.53 11.62
CA GLY B 206 -6.88 1.99 11.16
C GLY B 206 -6.44 2.47 9.78
N PHE B 207 -7.30 3.19 9.06
CA PHE B 207 -6.95 3.72 7.74
C PHE B 207 -6.38 5.12 7.87
N PHE B 208 -5.20 5.32 7.27
CA PHE B 208 -4.44 6.56 7.39
C PHE B 208 -5.19 7.78 6.84
N PRO B 209 -5.06 8.95 7.52
CA PRO B 209 -4.36 9.25 8.77
C PRO B 209 -5.23 9.04 10.03
N GLY B 210 -6.48 8.63 9.86
CA GLY B 210 -7.35 8.31 10.97
C GLY B 210 -8.24 9.44 11.42
N THR B 211 -8.06 10.63 10.87
CA THR B 211 -8.84 11.82 11.20
C THR B 211 -9.87 12.09 10.12
N GLY B 212 -10.75 13.04 10.38
CA GLY B 212 -11.65 13.51 9.36
C GLY B 212 -13.01 12.86 9.35
N ASP B 213 -13.55 12.58 10.53
CA ASP B 213 -14.95 12.20 10.63
C ASP B 213 -15.84 13.41 10.30
N VAL B 214 -17.11 13.13 10.03
CA VAL B 214 -18.04 14.19 9.68
C VAL B 214 -18.21 15.18 10.83
N SER B 215 -17.94 14.74 12.07
CA SER B 215 -18.01 15.64 13.22
C SER B 215 -16.77 16.51 13.39
N ASP B 216 -15.75 16.35 12.55
CA ASP B 216 -14.57 17.22 12.56
C ASP B 216 -14.89 18.44 11.70
N VAL B 217 -15.09 19.59 12.34
CA VAL B 217 -15.58 20.79 11.67
C VAL B 217 -14.67 21.99 11.86
N GLY B 218 -13.50 21.81 12.46
CA GLY B 218 -12.61 22.92 12.70
C GLY B 218 -12.82 23.49 14.10
N LEU B 219 -12.06 24.56 14.40
CA LEU B 219 -11.98 25.05 15.77
C LEU B 219 -12.04 26.57 15.82
N GLY B 220 -12.41 27.09 16.99
CA GLY B 220 -12.38 28.53 17.24
C GLY B 220 -13.24 29.31 16.25
N LYS B 221 -12.66 30.40 15.73
CA LYS B 221 -13.29 31.15 14.65
C LYS B 221 -13.51 30.30 13.40
N GLY B 222 -12.78 29.19 13.26
CA GLY B 222 -12.97 28.31 12.13
C GLY B 222 -13.93 27.16 12.37
N ARG B 223 -14.61 27.13 13.51
CA ARG B 223 -15.61 26.10 13.70
C ARG B 223 -16.66 26.18 12.61
N TYR B 224 -16.91 25.05 11.95
CA TYR B 224 -17.83 24.83 10.82
C TYR B 224 -17.20 25.19 9.49
N TYR B 225 -15.92 25.57 9.44
CA TYR B 225 -15.26 25.89 8.20
C TYR B 225 -14.31 24.79 7.73
N SER B 226 -14.37 23.62 8.37
CA SER B 226 -13.83 22.38 7.84
C SER B 226 -14.99 21.43 7.59
N VAL B 227 -15.04 20.86 6.39
CA VAL B 227 -16.06 19.90 5.99
C VAL B 227 -15.37 18.58 5.70
N ASN B 228 -15.85 17.50 6.31
CA ASN B 228 -15.29 16.18 6.09
C ASN B 228 -16.39 15.21 5.71
N VAL B 229 -16.15 14.45 4.65
CA VAL B 229 -17.13 13.51 4.11
C VAL B 229 -16.54 12.11 4.16
N PRO B 230 -16.83 11.35 5.20
CA PRO B 230 -16.25 10.00 5.35
C PRO B 230 -16.99 8.98 4.49
N ILE B 231 -16.23 8.19 3.72
CA ILE B 231 -16.81 7.32 2.69
C ILE B 231 -16.17 5.94 2.81
N GLN B 232 -16.92 4.89 2.46
CA GLN B 232 -16.43 3.53 2.63
C GLN B 232 -15.97 2.94 1.29
N ASP B 233 -15.28 1.81 1.38
CA ASP B 233 -14.72 1.15 0.19
C ASP B 233 -15.78 0.95 -0.88
N GLY B 234 -15.33 0.98 -2.13
CA GLY B 234 -16.12 0.52 -3.26
C GLY B 234 -16.97 1.56 -3.93
N ILE B 235 -16.94 2.81 -3.50
CA ILE B 235 -17.79 3.82 -4.14
C ILE B 235 -17.41 3.97 -5.61
N GLN B 236 -18.42 4.15 -6.47
CA GLN B 236 -18.24 4.32 -7.91
C GLN B 236 -18.70 5.72 -8.33
N ASP B 237 -18.53 6.02 -9.64
CA ASP B 237 -18.65 7.38 -10.17
C ASP B 237 -19.96 8.06 -9.82
N GLU B 238 -21.09 7.39 -10.03
CA GLU B 238 -22.38 8.07 -9.89
C GLU B 238 -22.65 8.47 -8.45
N LYS B 239 -22.55 7.53 -7.52
CA LYS B 239 -22.80 7.87 -6.12
C LYS B 239 -21.81 8.91 -5.61
N TYR B 240 -20.54 8.77 -5.99
CA TYR B 240 -19.53 9.74 -5.55
C TYR B 240 -19.89 11.15 -6.02
N TYR B 241 -20.20 11.30 -7.31
CA TYR B 241 -20.59 12.61 -7.82
C TYR B 241 -21.79 13.16 -7.09
N GLN B 242 -22.79 12.31 -6.81
CA GLN B 242 -23.98 12.78 -6.11
C GLN B 242 -23.62 13.31 -4.72
N ILE B 243 -22.72 12.62 -4.02
CA ILE B 243 -22.25 13.09 -2.72
C ILE B 243 -21.49 14.41 -2.90
N CYS B 244 -20.56 14.45 -3.84
CA CYS B 244 -19.69 15.61 -4.00
C CYS B 244 -20.47 16.85 -4.42
N GLU B 245 -21.40 16.70 -5.38
CA GLU B 245 -22.19 17.84 -5.84
C GLU B 245 -23.12 18.35 -4.75
N SER B 246 -23.72 17.43 -3.98
CA SER B 246 -24.57 17.83 -2.85
C SER B 246 -23.79 18.68 -1.86
N VAL B 247 -22.59 18.26 -1.49
CA VAL B 247 -21.80 19.01 -0.51
C VAL B 247 -21.32 20.32 -1.12
N LEU B 248 -20.81 20.28 -2.36
CA LEU B 248 -20.27 21.50 -2.97
C LEU B 248 -21.37 22.52 -3.26
N LYS B 249 -22.58 22.08 -3.63
CA LYS B 249 -23.69 23.02 -3.77
C LYS B 249 -23.95 23.76 -2.46
N GLU B 250 -24.03 23.02 -1.35
CA GLU B 250 -24.22 23.65 -0.05
C GLU B 250 -23.06 24.57 0.30
N VAL B 251 -21.83 24.11 0.09
CA VAL B 251 -20.66 24.89 0.45
C VAL B 251 -20.62 26.19 -0.35
N TYR B 252 -20.89 26.10 -1.64
CA TYR B 252 -20.80 27.28 -2.50
C TYR B 252 -21.80 28.34 -2.05
N GLN B 253 -23.04 27.93 -1.78
CA GLN B 253 -24.06 28.87 -1.35
C GLN B 253 -23.69 29.49 0.00
N ALA B 254 -23.27 28.67 0.95
CA ALA B 254 -23.00 29.13 2.30
C ALA B 254 -21.70 29.93 2.40
N PHE B 255 -20.67 29.53 1.66
CA PHE B 255 -19.32 30.08 1.82
C PHE B 255 -18.96 31.14 0.80
N ASN B 256 -19.58 31.13 -0.38
CA ASN B 256 -19.33 32.10 -1.44
C ASN B 256 -17.83 32.30 -1.67
N PRO B 257 -17.11 31.27 -2.12
CA PRO B 257 -15.66 31.39 -2.28
C PRO B 257 -15.29 32.32 -3.42
N LYS B 258 -14.10 32.91 -3.32
CA LYS B 258 -13.57 33.75 -4.39
C LYS B 258 -12.49 33.05 -5.20
N ALA B 259 -11.86 32.02 -4.63
CA ALA B 259 -10.91 31.18 -5.35
C ALA B 259 -11.01 29.77 -4.81
N VAL B 260 -10.57 28.81 -5.61
CA VAL B 260 -10.68 27.38 -5.30
C VAL B 260 -9.32 26.73 -5.51
N VAL B 261 -8.90 25.89 -4.56
CA VAL B 261 -7.75 25.00 -4.72
C VAL B 261 -8.26 23.57 -4.69
N LEU B 262 -8.00 22.82 -5.76
CA LEU B 262 -8.56 21.49 -5.95
C LEU B 262 -7.45 20.46 -6.01
N GLN B 263 -7.47 19.50 -5.07
CA GLN B 263 -6.50 18.41 -5.01
C GLN B 263 -7.18 17.16 -5.55
N LEU B 264 -6.55 16.53 -6.53
CA LEU B 264 -7.14 15.45 -7.29
C LEU B 264 -6.26 14.22 -7.29
N GLY B 265 -5.80 13.82 -6.09
CA GLY B 265 -5.07 12.58 -5.96
C GLY B 265 -5.81 11.41 -6.58
N ALA B 266 -5.11 10.62 -7.40
CA ALA B 266 -5.69 9.55 -8.20
C ALA B 266 -5.68 8.19 -7.49
N ASP B 267 -5.46 8.15 -6.17
CA ASP B 267 -5.47 6.87 -5.49
C ASP B 267 -6.88 6.40 -5.16
N THR B 268 -7.90 7.13 -5.65
CA THR B 268 -9.28 6.69 -5.65
C THR B 268 -9.63 5.83 -6.86
N ILE B 269 -8.77 5.80 -7.87
CA ILE B 269 -9.14 5.27 -9.17
C ILE B 269 -9.00 3.74 -9.16
N ALA B 270 -10.01 3.05 -9.70
CA ALA B 270 -9.96 1.61 -9.93
C ALA B 270 -8.62 1.18 -10.48
N GLY B 271 -8.04 0.13 -9.89
CA GLY B 271 -6.74 -0.33 -10.27
C GLY B 271 -5.62 0.22 -9.42
N ASP B 272 -5.89 1.20 -8.57
CA ASP B 272 -4.86 1.63 -7.66
C ASP B 272 -4.60 0.53 -6.65
N PRO B 273 -3.35 0.28 -6.28
CA PRO B 273 -3.07 -0.74 -5.27
C PRO B 273 -3.76 -0.49 -3.94
N MET B 274 -4.12 0.77 -3.62
CA MET B 274 -4.91 1.01 -2.42
C MET B 274 -6.18 0.18 -2.41
N CYS B 275 -6.77 -0.06 -3.58
CA CYS B 275 -7.92 -0.94 -3.77
C CYS B 275 -9.05 -0.61 -2.81
N SER B 276 -9.36 0.68 -2.67
CA SER B 276 -10.40 1.11 -1.75
C SER B 276 -11.62 1.64 -2.50
N PHE B 277 -11.51 2.86 -3.02
CA PHE B 277 -12.59 3.38 -3.86
C PHE B 277 -12.53 2.70 -5.23
N ASN B 278 -13.56 2.93 -6.03
CA ASN B 278 -13.68 2.24 -7.32
C ASN B 278 -14.10 3.24 -8.38
N MET B 279 -13.39 4.37 -8.42
CA MET B 279 -13.72 5.51 -9.27
C MET B 279 -13.07 5.36 -10.64
N THR B 280 -13.57 6.13 -11.60
CA THR B 280 -12.88 6.34 -12.86
C THR B 280 -12.67 7.84 -13.06
N PRO B 281 -11.77 8.24 -13.97
CA PRO B 281 -11.58 9.67 -14.21
C PRO B 281 -12.85 10.38 -14.65
N VAL B 282 -13.82 9.66 -15.21
CA VAL B 282 -15.07 10.29 -15.63
C VAL B 282 -15.86 10.81 -14.44
N GLY B 283 -15.91 10.02 -13.36
CA GLY B 283 -16.56 10.48 -12.14
C GLY B 283 -15.87 11.70 -11.54
N ILE B 284 -14.55 11.61 -11.35
CA ILE B 284 -13.78 12.76 -10.87
C ILE B 284 -14.01 13.96 -11.78
N GLY B 285 -14.06 13.72 -13.09
CA GLY B 285 -14.23 14.82 -14.03
C GLY B 285 -15.52 15.58 -13.84
N LYS B 286 -16.61 14.86 -13.54
CA LYS B 286 -17.89 15.53 -13.28
C LYS B 286 -17.78 16.43 -12.06
N CYS B 287 -17.05 16.00 -11.04
CA CYS B 287 -16.78 16.87 -9.89
C CYS B 287 -15.96 18.07 -10.31
N LEU B 288 -14.95 17.86 -11.17
CA LEU B 288 -14.14 18.98 -11.66
C LEU B 288 -14.99 19.94 -12.48
N LYS B 289 -15.82 19.41 -13.39
CA LYS B 289 -16.71 20.25 -14.18
C LYS B 289 -17.62 21.08 -13.28
N TYR B 290 -18.17 20.49 -12.22
CA TYR B 290 -19.05 21.24 -11.33
C TYR B 290 -18.32 22.41 -10.70
N ILE B 291 -17.05 22.23 -10.35
CA ILE B 291 -16.28 23.33 -9.76
C ILE B 291 -15.91 24.35 -10.82
N LEU B 292 -15.57 23.88 -12.03
CA LEU B 292 -15.22 24.81 -13.10
C LEU B 292 -16.40 25.71 -13.48
N GLN B 293 -17.64 25.21 -13.38
CA GLN B 293 -18.80 26.02 -13.74
C GLN B 293 -18.93 27.26 -12.85
N TRP B 294 -18.30 27.26 -11.67
CA TRP B 294 -18.33 28.47 -10.84
C TRP B 294 -17.54 29.61 -11.47
N GLN B 295 -16.66 29.30 -12.43
CA GLN B 295 -15.85 30.30 -13.12
C GLN B 295 -15.07 31.18 -12.15
N LEU B 296 -14.45 30.56 -11.16
CA LEU B 296 -13.56 31.24 -10.24
C LEU B 296 -12.11 30.89 -10.54
N ALA B 297 -11.20 31.71 -10.05
CA ALA B 297 -9.79 31.33 -10.07
C ALA B 297 -9.61 29.98 -9.38
N THR B 298 -9.06 29.01 -10.12
CA THR B 298 -9.00 27.63 -9.66
C THR B 298 -7.59 27.09 -9.86
N LEU B 299 -6.98 26.64 -8.76
CA LEU B 299 -5.64 26.05 -8.77
C LEU B 299 -5.80 24.54 -8.70
N ILE B 300 -5.32 23.85 -9.73
CA ILE B 300 -5.51 22.40 -9.89
C ILE B 300 -4.23 21.69 -9.45
N LEU B 301 -4.37 20.77 -8.51
CA LEU B 301 -3.25 20.02 -7.95
C LEU B 301 -3.45 18.53 -8.16
N GLY B 302 -2.33 17.82 -8.24
CA GLY B 302 -2.37 16.37 -8.27
C GLY B 302 -2.40 15.87 -6.84
N GLY B 303 -1.59 14.86 -6.55
CA GLY B 303 -1.55 14.24 -5.25
C GLY B 303 -1.07 12.81 -5.39
N ALA B 304 -1.49 11.96 -4.47
CA ALA B 304 -1.13 10.56 -4.49
C ALA B 304 -1.68 9.87 -5.76
N GLY B 305 -1.24 8.65 -5.98
CA GLY B 305 -1.62 7.92 -7.17
C GLY B 305 -0.56 6.87 -7.40
N TYR B 306 -0.90 5.60 -7.14
CA TYR B 306 0.08 4.54 -7.02
C TYR B 306 0.06 3.56 -8.19
N ASN B 307 -0.96 3.60 -9.05
CA ASN B 307 -0.93 2.94 -10.35
C ASN B 307 -0.49 4.03 -11.33
N LEU B 308 0.78 3.98 -11.75
CA LEU B 308 1.36 5.14 -12.42
C LEU B 308 0.68 5.41 -13.75
N ALA B 309 0.47 4.37 -14.57
CA ALA B 309 -0.20 4.57 -15.84
C ALA B 309 -1.64 5.04 -15.65
N ASN B 310 -2.33 4.51 -14.63
CA ASN B 310 -3.69 4.99 -14.41
C ASN B 310 -3.70 6.43 -13.92
N THR B 311 -2.70 6.82 -13.14
CA THR B 311 -2.64 8.21 -12.72
C THR B 311 -2.41 9.13 -13.91
N ALA B 312 -1.55 8.72 -14.83
CA ALA B 312 -1.38 9.51 -16.04
C ALA B 312 -2.66 9.53 -16.86
N ARG B 313 -3.31 8.37 -17.00
CA ARG B 313 -4.60 8.34 -17.69
C ARG B 313 -5.57 9.32 -17.08
N CYS B 314 -5.65 9.34 -15.75
CA CYS B 314 -6.64 10.16 -15.07
C CYS B 314 -6.37 11.64 -15.27
N TRP B 315 -5.15 12.08 -15.03
CA TRP B 315 -4.86 13.50 -15.09
C TRP B 315 -4.82 14.00 -16.53
N THR B 316 -4.48 13.12 -17.48
CA THR B 316 -4.58 13.51 -18.89
C THR B 316 -6.03 13.75 -19.26
N TYR B 317 -6.92 12.82 -18.89
CA TYR B 317 -8.35 13.00 -19.16
C TYR B 317 -8.88 14.28 -18.49
N LEU B 318 -8.49 14.52 -17.24
CA LEU B 318 -8.96 15.72 -16.54
C LEU B 318 -8.44 17.00 -17.19
N THR B 319 -7.20 16.98 -17.70
CA THR B 319 -6.70 18.12 -18.47
C THR B 319 -7.61 18.40 -19.67
N GLY B 320 -8.00 17.35 -20.40
CA GLY B 320 -8.97 17.51 -21.46
C GLY B 320 -10.29 18.08 -20.97
N VAL B 321 -10.75 17.64 -19.79
CA VAL B 321 -11.97 18.20 -19.22
C VAL B 321 -11.83 19.71 -19.05
N ILE B 322 -10.68 20.14 -18.55
CA ILE B 322 -10.42 21.57 -18.36
C ILE B 322 -10.46 22.29 -19.70
N LEU B 323 -9.96 21.64 -20.75
CA LEU B 323 -9.92 22.22 -22.08
C LEU B 323 -11.22 22.06 -22.84
N GLY B 324 -12.19 21.34 -22.28
CA GLY B 324 -13.40 21.03 -23.01
C GLY B 324 -13.16 20.20 -24.25
N LYS B 325 -12.14 19.33 -24.24
CA LYS B 325 -11.80 18.50 -25.38
C LYS B 325 -12.14 17.05 -25.09
N THR B 326 -12.47 16.30 -26.15
CA THR B 326 -12.75 14.88 -26.07
C THR B 326 -11.56 14.12 -26.60
N LEU B 327 -10.96 13.29 -25.76
CA LEU B 327 -9.72 12.62 -26.13
C LEU B 327 -10.00 11.29 -26.83
N SER B 328 -9.11 10.92 -27.73
CA SER B 328 -9.23 9.64 -28.41
C SER B 328 -9.01 8.50 -27.42
N SER B 329 -9.79 7.43 -27.59
CA SER B 329 -9.69 6.28 -26.70
C SER B 329 -8.30 5.64 -26.75
N GLU B 330 -7.70 5.57 -27.93
CA GLU B 330 -6.45 4.84 -28.07
C GLU B 330 -5.29 5.66 -27.51
N ILE B 331 -4.52 5.05 -26.63
CA ILE B 331 -3.30 5.67 -26.11
C ILE B 331 -2.32 5.84 -27.26
N PRO B 332 -1.85 7.06 -27.54
CA PRO B 332 -0.87 7.23 -28.62
C PRO B 332 0.48 6.67 -28.24
N ASP B 333 1.21 6.17 -29.23
CA ASP B 333 2.59 5.76 -28.96
C ASP B 333 3.36 6.96 -28.43
N HIS B 334 4.22 6.70 -27.44
CA HIS B 334 4.99 7.74 -26.77
C HIS B 334 5.99 7.03 -25.88
N GLU B 335 6.73 7.81 -25.10
CA GLU B 335 7.86 7.27 -24.35
C GLU B 335 7.46 6.09 -23.47
N PHE B 336 6.27 6.13 -22.86
CA PHE B 336 5.86 5.13 -21.88
C PHE B 336 4.74 4.22 -22.38
N PHE B 337 4.57 4.13 -23.70
CA PHE B 337 3.44 3.39 -24.29
C PHE B 337 3.35 1.95 -23.76
N THR B 338 4.48 1.27 -23.56
CA THR B 338 4.44 -0.13 -23.14
C THR B 338 3.84 -0.29 -21.73
N ALA B 339 3.73 0.78 -20.97
CA ALA B 339 3.14 0.70 -19.64
C ALA B 339 1.63 0.65 -19.66
N TYR B 340 1.00 0.78 -20.84
CA TYR B 340 -0.44 0.99 -20.89
C TYR B 340 -1.21 -0.26 -21.27
N GLY B 341 -0.57 -1.44 -21.20
CA GLY B 341 -1.24 -2.71 -21.39
C GLY B 341 -2.14 -3.11 -20.22
N PRO B 342 -3.02 -4.09 -20.44
CA PRO B 342 -3.10 -4.88 -21.67
C PRO B 342 -3.96 -4.29 -22.77
N ASP B 343 -4.69 -3.20 -22.49
CA ASP B 343 -5.68 -2.70 -23.44
C ASP B 343 -5.23 -1.46 -24.21
N TYR B 344 -4.32 -0.66 -23.67
CA TYR B 344 -3.75 0.48 -24.38
C TYR B 344 -4.83 1.51 -24.74
N VAL B 345 -5.79 1.70 -23.82
CA VAL B 345 -6.83 2.70 -24.00
C VAL B 345 -6.85 3.64 -22.79
N LEU B 346 -7.45 4.81 -23.00
CA LEU B 346 -7.47 5.84 -21.96
C LEU B 346 -8.50 5.54 -20.88
N GLU B 347 -9.64 4.95 -21.25
CA GLU B 347 -10.71 4.68 -20.30
C GLU B 347 -10.31 3.62 -19.28
N ILE B 348 -10.74 3.83 -18.03
CA ILE B 348 -10.51 2.87 -16.95
C ILE B 348 -11.84 2.22 -16.58
N THR B 349 -11.85 0.87 -16.49
CA THR B 349 -13.02 0.08 -16.12
C THR B 349 -13.06 -0.16 -14.62
N PRO B 350 -14.20 0.05 -13.95
CA PRO B 350 -14.27 -0.21 -12.50
C PRO B 350 -14.03 -1.69 -12.20
N SER B 351 -13.55 -1.94 -10.98
CA SER B 351 -13.39 -3.30 -10.52
C SER B 351 -14.74 -3.91 -10.18
N CYS B 352 -14.83 -5.23 -10.32
N CYS B 352 -14.85 -5.23 -10.33
CA CYS B 352 -16.05 -5.97 -9.98
CA CYS B 352 -16.09 -5.93 -9.97
C CYS B 352 -16.00 -6.33 -8.50
C CYS B 352 -16.01 -6.32 -8.50
N ARG B 353 -16.32 -5.35 -7.65
CA ARG B 353 -16.37 -5.60 -6.21
C ARG B 353 -17.42 -4.68 -5.61
N PRO B 354 -17.90 -4.99 -4.39
CA PRO B 354 -19.10 -4.31 -3.89
C PRO B 354 -18.83 -2.88 -3.44
N ASP B 355 -19.88 -2.06 -3.54
CA ASP B 355 -19.89 -0.73 -2.94
C ASP B 355 -20.39 -0.90 -1.51
N ARG B 356 -19.53 -0.55 -0.54
N ARG B 356 -19.54 -0.52 -0.55
CA ARG B 356 -19.87 -0.75 0.87
CA ARG B 356 -19.83 -0.72 0.86
C ARG B 356 -20.62 0.42 1.47
C ARG B 356 -20.59 0.45 1.48
N ASN B 357 -21.06 1.39 0.67
CA ASN B 357 -21.68 2.60 1.17
C ASN B 357 -23.21 2.45 1.27
N GLU B 358 -23.70 2.32 2.50
CA GLU B 358 -25.14 2.20 2.73
C GLU B 358 -25.81 3.55 2.50
N PRO B 359 -26.87 3.61 1.68
CA PRO B 359 -27.42 4.92 1.28
C PRO B 359 -28.00 5.73 2.42
N HIS B 360 -28.45 5.09 3.50
CA HIS B 360 -29.00 5.84 4.62
C HIS B 360 -27.90 6.51 5.44
N ARG B 361 -26.75 5.85 5.59
CA ARG B 361 -25.61 6.49 6.24
C ARG B 361 -25.14 7.69 5.42
N ILE B 362 -25.08 7.52 4.09
CA ILE B 362 -24.67 8.63 3.21
C ILE B 362 -25.62 9.82 3.38
N GLN B 363 -26.93 9.58 3.34
CA GLN B 363 -27.87 10.67 3.51
C GLN B 363 -27.75 11.30 4.89
N GLN B 364 -27.52 10.48 5.93
CA GLN B 364 -27.22 10.98 7.27
C GLN B 364 -26.03 11.93 7.25
N ILE B 365 -24.92 11.48 6.66
CA ILE B 365 -23.70 12.29 6.59
C ILE B 365 -23.99 13.60 5.88
N LEU B 366 -24.74 13.55 4.79
CA LEU B 366 -25.05 14.78 4.06
C LEU B 366 -25.91 15.72 4.91
N ASN B 367 -26.86 15.18 5.68
CA ASN B 367 -27.71 16.03 6.51
C ASN B 367 -26.93 16.64 7.67
N TYR B 368 -26.02 15.87 8.27
CA TYR B 368 -25.11 16.42 9.28
C TYR B 368 -24.31 17.58 8.72
N ILE B 369 -23.77 17.42 7.50
CA ILE B 369 -22.98 18.48 6.86
C ILE B 369 -23.84 19.70 6.57
N LYS B 370 -25.05 19.48 6.04
CA LYS B 370 -25.96 20.60 5.78
C LYS B 370 -26.24 21.38 7.06
N GLY B 371 -26.46 20.66 8.17
CA GLY B 371 -26.67 21.34 9.44
C GLY B 371 -25.46 22.16 9.87
N ASN B 372 -24.26 21.60 9.68
CA ASN B 372 -23.04 22.34 9.98
C ASN B 372 -22.97 23.63 9.15
N LEU B 373 -23.31 23.54 7.87
CA LEU B 373 -23.15 24.67 6.97
C LEU B 373 -24.18 25.78 7.22
N LYS B 374 -25.25 25.50 7.97
N LYS B 374 -25.25 25.48 7.95
CA LYS B 374 -26.18 26.57 8.29
CA LYS B 374 -26.20 26.55 8.31
C LYS B 374 -25.56 27.57 9.25
C LYS B 374 -25.57 27.56 9.26
N HIS B 375 -24.54 27.17 10.00
CA HIS B 375 -23.82 28.10 10.86
C HIS B 375 -22.86 28.99 10.10
N VAL B 376 -22.57 28.68 8.84
CA VAL B 376 -21.66 29.48 8.02
C VAL B 376 -22.42 30.69 7.51
N VAL B 377 -22.19 31.85 8.12
CA VAL B 377 -22.72 33.14 7.63
C VAL B 377 -21.66 33.83 6.80
ZN ZN C . 1.49 -9.60 1.94
K K D . -1.53 -16.03 1.73
K K E . 1.38 -28.24 -6.72
O23 B3N F . 0.21 -2.35 -2.66
C13 B3N F . 1.04 -1.60 -3.20
C14 B3N F . 1.42 -0.32 -2.62
C15 B3N F . 2.56 0.32 -3.12
C16 B3N F . 2.95 1.53 -2.59
C17 B3N F . 2.18 2.12 -1.55
N20 B3N F . 2.57 3.34 -1.00
C22 B3N F . 3.85 3.95 -1.36
C21 B3N F . 1.68 4.03 -0.06
C18 B3N F . 1.05 1.47 -1.06
C19 B3N F . 0.67 0.26 -1.60
N12 B3N F . 1.63 -1.94 -4.40
C10 B3N F . 1.29 -3.20 -5.04
C9 B3N F . 2.32 -4.28 -4.63
C8 B3N F . 1.92 -4.89 -3.31
C7 B3N F . 2.86 -6.00 -2.98
C6 B3N F . 2.49 -6.61 -1.64
C5 B3N F . 3.72 -7.18 -0.98
C1 B3N F . 3.25 -8.10 0.08
O2 B3N F . 2.89 -7.75 1.20
N3 B3N F . 3.23 -9.45 -0.28
O4 B3N F . 2.82 -10.32 0.64
ZN ZN G . -3.95 9.44 -0.79
K K H . -9.55 13.68 0.40
K K I . -11.04 26.49 8.06
O23 B3N J . 3.16 3.02 5.43
C13 B3N J . 2.38 2.61 4.55
C14 B3N J . 2.78 1.63 3.53
C15 B3N J . 4.14 1.30 3.46
C16 B3N J . 4.57 0.37 2.54
C17 B3N J . 3.64 -0.23 1.67
N20 B3N J . 4.09 -1.15 0.73
C22 B3N J . 5.53 -1.43 0.59
C21 B3N J . 3.14 -1.87 -0.11
C18 B3N J . 2.28 0.11 1.75
C19 B3N J . 1.87 1.03 2.69
N12 B3N J . 1.06 3.07 4.52
C10 B3N J . 0.58 4.05 5.51
C9 B3N J . 0.98 5.48 5.08
C8 B3N J . -0.06 6.12 4.14
C7 B3N J . 0.61 7.33 3.47
C6 B3N J . -0.43 8.28 2.85
C5 B3N J . -0.82 7.82 1.51
C1 B3N J . -1.51 8.87 0.64
O2 B3N J . -1.75 8.68 -0.52
N3 B3N J . -1.95 10.09 1.17
O4 B3N J . -2.56 10.86 0.26
N1 GGG K . 12.17 6.79 -18.98
CA1 GGG K . 12.14 6.00 -20.20
C1 GGG K . 11.77 4.56 -19.82
O1 GGG K . 11.79 4.15 -18.66
N2 GGG K . 11.41 3.73 -20.86
CA2 GGG K . 11.03 2.36 -20.56
C2 GGG K . 9.52 2.42 -20.27
O2 GGG K . 8.78 3.15 -20.95
N3 GGG K . 9.02 1.66 -19.27
CA3 GGG K . 7.60 1.73 -19.00
C3 GGG K . 7.08 0.37 -18.45
O3 GGG K . 6.82 -0.53 -19.29
O GGG K . 6.94 0.31 -17.22
#